data_9HDM
#
_entry.id   9HDM
#
_cell.length_a   57.983
_cell.length_b   108.293
_cell.length_c   115.732
_cell.angle_alpha   90.00
_cell.angle_beta   90.00
_cell.angle_gamma   90.00
#
_symmetry.space_group_name_H-M   'P 21 21 21'
#
loop_
_entity.id
_entity.type
_entity.pdbx_description
1 polymer 'Clavaminate synthase-like protein'
2 non-polymer 'MANGANESE (II) ION'
3 non-polymer THYMIDINE
4 non-polymer 1,2-ETHANEDIOL
5 non-polymer 'CHLORIDE ION'
6 non-polymer (R,R)-2,3-BUTANEDIOL
7 water water
#
_entity_poly.entity_id   1
_entity_poly.type   'polypeptide(L)'
_entity_poly.pdbx_seq_one_letter_code
;MGSSHHHHHHSSGLVPRGSHMAPIAQAVTVSLNDLKNGTVSLEALEEAFGPDSLGILVVKDVPAEFAELRHRLLSYSSYL
GNLPKSELDRLENEKAKYLTGWSLGKETLKNGQVDNLKGSYYANCAFYVDPSLSCAKPTEEFNPDNFPEYLSPNLWPQES
TLPGFKPTFEDLCRLIIDVAVLVARACDRFAEKQIAGYPAGYLEGVVKTSTTTKARLLHYFPEEATATDASKESNKEEEG
DEDDWCATHLDHGCLTGLTSAMFVDEAATPPVVNPSVNGSLPPLGELPTSPDPKAGLYIKSRTGQTVQVKIPRDCIAFQT
GEALERITGGKFKAVPHFVRGARAEMSAGRIARNTLAVFTQPNLGDEVDMEQHITFGEFARGIVAKNTVS
;
_entity_poly.pdbx_strand_id   A,B
#
# COMPACT_ATOMS: atom_id res chain seq x y z
N GLY A 13 8.69 -16.11 27.27
CA GLY A 13 9.02 -15.79 25.88
C GLY A 13 8.21 -16.58 24.89
N LEU A 14 7.31 -15.90 24.19
CA LEU A 14 6.47 -16.50 23.16
C LEU A 14 7.04 -16.34 21.75
N VAL A 15 7.63 -15.18 21.48
CA VAL A 15 8.17 -14.83 20.16
C VAL A 15 9.68 -14.73 20.37
N PRO A 16 10.51 -15.09 19.39
CA PRO A 16 11.96 -14.95 19.58
C PRO A 16 12.34 -13.51 19.87
N ARG A 17 13.25 -13.35 20.83
CA ARG A 17 13.83 -12.06 21.16
C ARG A 17 14.83 -11.63 20.10
N GLY A 18 15.08 -10.32 20.04
CA GLY A 18 16.09 -9.79 19.14
C GLY A 18 15.63 -9.68 17.70
N SER A 19 16.55 -9.95 16.78
CA SER A 19 16.26 -9.84 15.35
C SER A 19 15.61 -11.09 14.78
N HIS A 20 15.49 -12.16 15.55
CA HIS A 20 14.94 -13.41 15.05
C HIS A 20 13.42 -13.30 14.89
N MET A 21 12.88 -13.98 13.88
CA MET A 21 11.50 -13.83 13.46
C MET A 21 10.69 -15.07 13.82
N ALA A 22 9.42 -14.86 14.17
CA ALA A 22 8.49 -15.97 14.29
C ALA A 22 8.04 -16.41 12.90
N PRO A 23 7.63 -17.67 12.75
CA PRO A 23 7.04 -18.10 11.48
C PRO A 23 5.74 -17.35 11.23
N ILE A 24 5.41 -17.16 9.96
CA ILE A 24 4.15 -16.56 9.54
C ILE A 24 3.18 -17.66 9.15
N ALA A 25 1.96 -17.59 9.66
CA ALA A 25 0.91 -18.56 9.33
C ALA A 25 -0.20 -17.86 8.54
N GLN A 26 -0.82 -18.63 7.64
CA GLN A 26 -1.90 -18.12 6.81
C GLN A 26 -3.26 -18.33 7.49
N ALA A 27 -4.02 -17.25 7.67
CA ALA A 27 -5.36 -17.37 8.21
C ALA A 27 -6.33 -17.87 7.15
N VAL A 28 -7.34 -18.62 7.60
CA VAL A 28 -8.41 -19.05 6.72
C VAL A 28 -9.09 -17.83 6.12
N THR A 29 -9.31 -17.85 4.81
CA THR A 29 -9.85 -16.72 4.07
C THR A 29 -11.10 -17.15 3.32
N VAL A 30 -12.17 -16.35 3.42
CA VAL A 30 -13.40 -16.57 2.67
C VAL A 30 -13.80 -15.28 1.96
N SER A 31 -14.68 -15.42 0.97
CA SER A 31 -15.18 -14.28 0.21
C SER A 31 -16.46 -13.74 0.83
N LEU A 32 -16.58 -12.41 0.88
CA LEU A 32 -17.83 -11.80 1.31
C LEU A 32 -19.00 -12.25 0.43
N ASN A 33 -18.74 -12.53 -0.85
CA ASN A 33 -19.81 -13.01 -1.72
C ASN A 33 -20.44 -14.29 -1.19
N ASP A 34 -19.61 -15.19 -0.69
CA ASP A 34 -20.13 -16.44 -0.15
C ASP A 34 -20.81 -16.22 1.20
N LEU A 35 -20.35 -15.26 1.98
CA LEU A 35 -21.07 -14.92 3.21
C LEU A 35 -22.46 -14.38 2.88
N LYS A 36 -22.55 -13.54 1.86
CA LYS A 36 -23.84 -12.94 1.50
C LYS A 36 -24.80 -13.95 0.92
N ASN A 37 -24.31 -14.91 0.13
CA ASN A 37 -25.21 -15.86 -0.50
C ASN A 37 -25.42 -17.13 0.33
N GLY A 38 -24.79 -17.22 1.50
CA GLY A 38 -24.97 -18.36 2.38
C GLY A 38 -24.29 -19.63 1.95
N THR A 39 -23.24 -19.55 1.14
CA THR A 39 -22.55 -20.74 0.63
C THR A 39 -21.15 -20.88 1.23
N VAL A 40 -20.81 -20.09 2.26
CA VAL A 40 -19.53 -20.27 2.89
C VAL A 40 -19.43 -21.66 3.51
N SER A 41 -18.26 -22.27 3.36
CA SER A 41 -18.02 -23.61 3.87
C SER A 41 -17.98 -23.64 5.39
N LEU A 42 -18.79 -24.49 6.00
CA LEU A 42 -18.71 -24.65 7.44
C LEU A 42 -17.45 -25.40 7.85
N GLU A 43 -16.88 -26.21 6.94
CA GLU A 43 -15.58 -26.79 7.19
C GLU A 43 -14.52 -25.70 7.33
N ALA A 44 -14.51 -24.74 6.40
CA ALA A 44 -13.57 -23.62 6.51
C ALA A 44 -13.83 -22.80 7.76
N LEU A 45 -15.10 -22.58 8.10
CA LEU A 45 -15.40 -21.79 9.29
C LEU A 45 -14.87 -22.49 10.54
N GLU A 46 -15.04 -23.81 10.64
CA GLU A 46 -14.51 -24.52 11.79
C GLU A 46 -12.98 -24.53 11.77
N GLU A 47 -12.37 -24.56 10.58
CA GLU A 47 -10.91 -24.48 10.51
C GLU A 47 -10.42 -23.12 11.00
N ALA A 48 -11.27 -22.10 10.86
CA ALA A 48 -10.89 -20.74 11.27
C ALA A 48 -11.13 -20.48 12.75
N PHE A 49 -12.17 -21.09 13.32
CA PHE A 49 -12.67 -20.72 14.64
C PHE A 49 -12.70 -21.87 15.65
N GLY A 50 -12.35 -23.10 15.23
CA GLY A 50 -12.51 -24.27 16.08
C GLY A 50 -11.42 -24.38 17.14
N PRO A 51 -11.49 -25.48 17.92
CA PRO A 51 -10.56 -25.62 19.06
C PRO A 51 -9.08 -25.66 18.70
N ASP A 52 -8.73 -26.12 17.49
CA ASP A 52 -7.33 -26.19 17.06
C ASP A 52 -6.95 -25.03 16.15
N SER A 53 -7.81 -24.02 16.05
CA SER A 53 -7.67 -22.95 15.08
C SER A 53 -6.86 -21.79 15.63
N LEU A 54 -6.66 -20.80 14.76
CA LEU A 54 -6.09 -19.51 15.11
C LEU A 54 -7.14 -18.53 15.60
N GLY A 55 -8.42 -18.91 15.60
CA GLY A 55 -9.46 -18.01 16.09
C GLY A 55 -9.61 -16.74 15.26
N ILE A 56 -9.39 -16.81 13.96
CA ILE A 56 -9.45 -15.63 13.10
C ILE A 56 -9.88 -16.06 11.70
N LEU A 57 -10.67 -15.21 11.05
CA LEU A 57 -11.18 -15.42 9.71
C LEU A 57 -10.95 -14.16 8.88
N VAL A 58 -10.31 -14.29 7.73
CA VAL A 58 -10.08 -13.15 6.84
C VAL A 58 -11.19 -13.14 5.79
N VAL A 59 -11.81 -11.99 5.57
CA VAL A 59 -12.87 -11.82 4.59
C VAL A 59 -12.35 -10.92 3.48
N LYS A 60 -12.33 -11.44 2.24
CA LYS A 60 -11.94 -10.69 1.06
C LYS A 60 -13.19 -10.34 0.25
N ASP A 61 -12.99 -9.62 -0.86
CA ASP A 61 -14.08 -9.14 -1.71
C ASP A 61 -15.02 -8.22 -0.94
N VAL A 62 -14.44 -7.32 -0.15
CA VAL A 62 -15.24 -6.45 0.74
C VAL A 62 -15.86 -5.32 -0.09
N PRO A 63 -16.84 -4.57 0.43
CA PRO A 63 -17.44 -3.51 -0.39
C PRO A 63 -16.41 -2.51 -0.91
N ALA A 64 -16.73 -1.94 -2.07
CA ALA A 64 -15.78 -1.07 -2.77
C ALA A 64 -15.39 0.15 -1.94
N GLU A 65 -16.29 0.65 -1.10
CA GLU A 65 -16.00 1.85 -0.32
C GLU A 65 -15.02 1.57 0.82
N PHE A 66 -14.76 0.29 1.14
CA PHE A 66 -13.94 -0.01 2.31
C PHE A 66 -12.57 0.65 2.22
N ALA A 67 -11.89 0.51 1.07
CA ALA A 67 -10.52 0.99 0.97
C ALA A 67 -10.43 2.46 1.34
N GLU A 68 -11.35 3.29 0.81
CA GLU A 68 -11.22 4.71 1.10
C GLU A 68 -11.57 5.00 2.55
N LEU A 69 -12.60 4.33 3.08
CA LEU A 69 -13.00 4.59 4.47
C LEU A 69 -11.88 4.20 5.42
N ARG A 70 -11.27 3.03 5.19
CA ARG A 70 -10.13 2.64 6.01
C ARG A 70 -9.04 3.70 5.93
N HIS A 71 -8.71 4.13 4.71
CA HIS A 71 -7.62 5.09 4.57
C HIS A 71 -7.96 6.37 5.30
N ARG A 72 -9.22 6.82 5.20
CA ARG A 72 -9.55 8.08 5.84
C ARG A 72 -9.56 7.91 7.36
N LEU A 73 -10.15 6.82 7.86
CA LEU A 73 -10.30 6.77 9.31
C LEU A 73 -8.97 6.52 9.99
N LEU A 74 -8.13 5.66 9.39
CA LEU A 74 -6.82 5.46 9.98
C LEU A 74 -6.02 6.76 9.90
N SER A 75 -6.23 7.58 8.85
CA SER A 75 -5.60 8.91 8.85
CA SER A 75 -5.61 8.90 8.85
C SER A 75 -6.13 9.75 10.00
N TYR A 76 -7.44 9.71 10.24
CA TYR A 76 -8.01 10.46 11.37
C TYR A 76 -7.35 10.05 12.68
N SER A 77 -6.92 8.79 12.81
CA SER A 77 -6.26 8.39 14.05
C SER A 77 -5.02 9.23 14.31
N SER A 78 -4.22 9.50 13.27
CA SER A 78 -3.06 10.39 13.41
C SER A 78 -3.50 11.82 13.71
N TYR A 79 -4.49 12.33 12.96
CA TYR A 79 -4.92 13.71 13.19
C TYR A 79 -5.40 13.87 14.63
N LEU A 80 -6.27 12.95 15.06
CA LEU A 80 -6.79 13.00 16.42
C LEU A 80 -5.67 12.97 17.44
N GLY A 81 -4.69 12.07 17.24
CA GLY A 81 -3.65 11.93 18.24
C GLY A 81 -2.76 13.14 18.36
N ASN A 82 -2.84 14.06 17.41
CA ASN A 82 -1.97 15.24 17.40
C ASN A 82 -2.73 16.53 17.67
N LEU A 83 -4.00 16.44 18.00
CA LEU A 83 -4.75 17.62 18.40
C LEU A 83 -4.15 18.23 19.66
N PRO A 84 -4.33 19.53 19.89
CA PRO A 84 -3.81 20.15 21.11
C PRO A 84 -4.36 19.45 22.36
N LYS A 85 -3.52 19.41 23.40
CA LYS A 85 -3.89 18.72 24.64
C LYS A 85 -5.18 19.26 25.22
N SER A 86 -5.45 20.56 25.06
CA SER A 86 -6.70 21.13 25.54
C SER A 86 -7.90 20.43 24.92
N GLU A 87 -7.81 20.09 23.63
CA GLU A 87 -8.91 19.37 22.99
C GLU A 87 -8.98 17.92 23.44
N LEU A 88 -7.84 17.24 23.51
CA LEU A 88 -7.88 15.84 23.89
C LEU A 88 -8.34 15.65 25.34
N ASP A 89 -8.00 16.60 26.23
CA ASP A 89 -8.43 16.48 27.62
C ASP A 89 -9.95 16.47 27.72
N ARG A 90 -10.64 17.20 26.85
CA ARG A 90 -12.09 17.17 26.83
C ARG A 90 -12.68 15.83 26.41
N LEU A 91 -11.88 14.93 25.84
CA LEU A 91 -12.36 13.64 25.38
C LEU A 91 -12.06 12.53 26.37
N GLU A 92 -11.48 12.85 27.51
CA GLU A 92 -11.15 11.84 28.51
C GLU A 92 -12.38 11.58 29.39
N ASN A 93 -12.61 10.30 29.73
CA ASN A 93 -13.72 9.92 30.60
C ASN A 93 -13.23 8.87 31.59
N GLU A 94 -12.81 9.33 32.77
CA GLU A 94 -12.28 8.42 33.79
C GLU A 94 -13.37 7.54 34.39
N LYS A 95 -14.60 8.05 34.50
CA LYS A 95 -15.69 7.25 35.03
C LYS A 95 -15.97 6.04 34.14
N ALA A 96 -15.79 6.18 32.83
CA ALA A 96 -15.95 5.07 31.91
C ALA A 96 -14.73 4.17 31.88
N LYS A 97 -13.79 4.33 32.82
CA LYS A 97 -12.56 3.55 32.83
C LYS A 97 -11.76 3.79 31.55
N TYR A 98 -11.92 4.98 30.97
CA TYR A 98 -11.24 5.38 29.74
C TYR A 98 -11.62 4.49 28.56
N LEU A 99 -12.76 3.80 28.65
CA LEU A 99 -13.28 2.97 27.57
C LEU A 99 -14.33 3.71 26.75
N THR A 100 -14.43 5.02 26.96
CA THR A 100 -15.16 5.94 26.10
C THR A 100 -14.23 7.14 25.91
N GLY A 101 -14.05 7.59 24.67
CA GLY A 101 -13.23 8.76 24.42
C GLY A 101 -11.75 8.43 24.33
N TRP A 102 -10.92 9.44 24.62
CA TRP A 102 -9.49 9.38 24.38
C TRP A 102 -8.71 9.06 25.64
N SER A 103 -7.60 8.33 25.47
CA SER A 103 -6.65 8.17 26.58
C SER A 103 -5.31 7.68 26.06
N LEU A 104 -4.28 7.82 26.90
CA LEU A 104 -2.92 7.39 26.59
C LEU A 104 -2.57 6.10 27.32
N GLY A 105 -1.95 5.15 26.60
CA GLY A 105 -1.50 3.91 27.19
C GLY A 105 -0.09 3.62 26.73
N LYS A 106 0.49 2.56 27.30
CA LYS A 106 1.88 2.23 27.03
C LYS A 106 2.01 0.72 26.80
N GLU A 107 2.95 0.38 25.92
CA GLU A 107 3.27 -1.01 25.60
C GLU A 107 4.76 -1.23 25.84
N THR A 108 5.10 -2.28 26.59
CA THR A 108 6.49 -2.56 26.90
C THR A 108 6.89 -3.97 26.46
N LEU A 109 8.17 -4.12 26.15
CA LEU A 109 8.73 -5.38 25.67
C LEU A 109 9.42 -6.15 26.80
N ASP A 115 8.25 -0.48 24.19
CA ASP A 115 8.38 0.79 24.90
C ASP A 115 7.70 1.91 24.12
N ASN A 116 6.48 1.62 23.66
CA ASN A 116 5.73 2.47 22.74
C ASN A 116 4.55 3.13 23.44
N LEU A 117 4.32 4.39 23.10
CA LEU A 117 3.14 5.12 23.55
C LEU A 117 2.03 4.96 22.53
N LYS A 118 0.82 4.68 23.00
CA LYS A 118 -0.31 4.46 22.09
C LYS A 118 -1.54 5.15 22.64
N GLY A 119 -2.16 6.02 21.84
CA GLY A 119 -3.41 6.65 22.19
C GLY A 119 -4.59 5.87 21.65
N SER A 120 -5.60 5.69 22.50
CA SER A 120 -6.83 4.98 22.12
C SER A 120 -8.01 5.92 22.12
N TYR A 121 -8.89 5.73 21.13
CA TYR A 121 -10.17 6.41 21.06
C TYR A 121 -11.26 5.36 20.97
N TYR A 122 -12.18 5.38 21.94
CA TYR A 122 -13.22 4.36 22.03
C TYR A 122 -14.58 5.00 21.81
N ALA A 123 -15.46 4.29 21.11
CA ALA A 123 -16.85 4.72 20.98
C ALA A 123 -17.75 3.51 20.97
N ASN A 124 -18.90 3.62 21.64
CA ASN A 124 -19.87 2.56 21.45
C ASN A 124 -20.53 2.71 20.07
N CYS A 125 -21.08 1.61 19.57
CA CYS A 125 -21.68 1.59 18.24
C CYS A 125 -23.20 1.45 18.30
N ALA A 126 -23.83 2.05 19.32
CA ALA A 126 -25.28 2.06 19.39
C ALA A 126 -25.89 2.70 18.15
N PHE A 127 -25.15 3.63 17.52
CA PHE A 127 -25.62 4.28 16.30
C PHE A 127 -25.93 3.28 15.19
N TYR A 128 -25.34 2.09 15.23
CA TYR A 128 -25.62 1.06 14.23
C TYR A 128 -27.08 0.69 14.24
N VAL A 129 -27.68 0.58 15.43
CA VAL A 129 -29.07 0.21 15.58
C VAL A 129 -29.98 1.39 15.31
N ASP A 130 -29.61 2.57 15.81
CA ASP A 130 -30.38 3.78 15.67
C ASP A 130 -29.41 4.95 15.61
N PRO A 131 -29.28 5.59 14.44
CA PRO A 131 -28.22 6.61 14.28
C PRO A 131 -28.32 7.77 15.23
N SER A 132 -29.46 7.97 15.89
CA SER A 132 -29.60 9.08 16.82
C SER A 132 -29.03 8.78 18.20
N LEU A 133 -28.64 7.54 18.48
CA LEU A 133 -28.21 7.15 19.82
C LEU A 133 -26.73 7.47 20.02
N SER A 134 -26.42 8.07 21.18
CA SER A 134 -25.03 8.25 21.58
C SER A 134 -24.55 7.11 22.47
N CYS A 135 -25.43 6.18 22.82
CA CYS A 135 -25.22 5.07 23.73
C CYS A 135 -26.56 4.37 23.88
N ALA A 136 -26.53 3.20 24.52
CA ALA A 136 -27.75 2.47 24.79
C ALA A 136 -28.72 3.33 25.58
N LYS A 137 -30.01 3.13 25.32
CA LYS A 137 -31.02 3.81 26.13
C LYS A 137 -30.92 3.29 27.55
N PRO A 138 -30.76 4.16 28.56
CA PRO A 138 -30.50 3.66 29.92
C PRO A 138 -31.76 3.11 30.58
N THR A 139 -31.54 2.11 31.43
CA THR A 139 -32.61 1.55 32.26
C THR A 139 -32.13 1.43 33.70
N GLU A 140 -33.08 1.18 34.62
CA GLU A 140 -32.67 0.96 36.01
C GLU A 140 -31.68 -0.20 36.09
N GLU A 141 -31.88 -1.24 35.29
CA GLU A 141 -30.99 -2.40 35.36
C GLU A 141 -29.63 -2.11 34.73
N PHE A 142 -29.60 -1.38 33.60
CA PHE A 142 -28.38 -1.15 32.85
C PHE A 142 -28.26 0.32 32.47
N ASN A 143 -27.33 1.04 33.08
CA ASN A 143 -27.21 2.47 32.86
C ASN A 143 -25.75 2.86 33.01
N PRO A 144 -25.40 4.12 32.70
CA PRO A 144 -24.00 4.55 32.84
C PRO A 144 -23.44 4.47 34.26
N ASP A 145 -24.28 4.41 35.29
CA ASP A 145 -23.72 4.37 36.63
C ASP A 145 -23.24 2.98 37.02
N ASN A 146 -23.94 1.93 36.60
CA ASN A 146 -23.46 0.60 36.94
C ASN A 146 -22.68 -0.09 35.83
N PHE A 147 -22.78 0.34 34.58
CA PHE A 147 -21.95 -0.19 33.50
C PHE A 147 -21.37 0.94 32.66
N PRO A 148 -20.59 1.84 33.27
CA PRO A 148 -20.03 2.96 32.50
C PRO A 148 -19.09 2.52 31.40
N GLU A 149 -18.49 1.34 31.50
CA GLU A 149 -17.55 0.91 30.47
C GLU A 149 -18.24 0.46 29.19
N TYR A 150 -19.57 0.37 29.18
CA TYR A 150 -20.31 0.00 27.98
C TYR A 150 -21.34 1.03 27.58
N LEU A 151 -21.90 1.79 28.53
CA LEU A 151 -23.11 2.55 28.30
C LEU A 151 -22.93 4.06 28.41
N SER A 152 -21.70 4.55 28.55
CA SER A 152 -21.48 5.99 28.61
C SER A 152 -21.66 6.63 27.24
N PRO A 153 -22.15 7.86 27.17
CA PRO A 153 -22.34 8.53 25.88
CA PRO A 153 -22.34 8.53 25.88
C PRO A 153 -21.00 8.77 25.19
N ASN A 154 -21.02 8.65 23.87
CA ASN A 154 -19.83 8.92 23.08
C ASN A 154 -19.40 10.38 23.23
N LEU A 155 -18.09 10.60 23.22
CA LEU A 155 -17.50 11.93 23.32
C LEU A 155 -16.76 12.20 22.02
N TRP A 156 -17.28 13.14 21.20
CA TRP A 156 -16.71 13.32 19.88
C TRP A 156 -15.85 14.58 19.83
N PRO A 157 -14.75 14.53 19.07
CA PRO A 157 -13.98 15.75 18.80
C PRO A 157 -14.87 16.78 18.11
N GLN A 158 -14.50 18.03 18.28
CA GLN A 158 -15.26 19.11 17.68
C GLN A 158 -15.20 18.99 16.16
N GLU A 159 -16.37 19.20 15.51
CA GLU A 159 -16.39 19.17 14.05
C GLU A 159 -15.46 20.22 13.46
N SER A 160 -15.36 21.40 14.09
CA SER A 160 -14.55 22.45 13.49
C SER A 160 -13.06 22.13 13.53
N THR A 161 -12.59 21.41 14.55
CA THR A 161 -11.18 21.07 14.70
C THR A 161 -10.80 19.74 14.06
N LEU A 162 -11.75 18.82 13.89
CA LEU A 162 -11.50 17.55 13.23
C LEU A 162 -12.68 17.25 12.29
N PRO A 163 -12.77 17.98 11.18
CA PRO A 163 -13.96 17.90 10.33
C PRO A 163 -14.13 16.54 9.67
N GLY A 164 -15.34 16.00 9.74
CA GLY A 164 -15.69 14.75 9.07
C GLY A 164 -15.37 13.50 9.86
N PHE A 165 -14.82 13.62 11.07
CA PHE A 165 -14.40 12.44 11.81
C PHE A 165 -15.59 11.55 12.16
N LYS A 166 -16.65 12.14 12.72
CA LYS A 166 -17.76 11.32 13.19
C LYS A 166 -18.45 10.56 12.08
N PRO A 167 -18.87 11.17 10.97
CA PRO A 167 -19.49 10.35 9.91
C PRO A 167 -18.56 9.31 9.32
N THR A 168 -17.26 9.61 9.20
CA THR A 168 -16.31 8.61 8.69
C THR A 168 -16.20 7.43 9.64
N PHE A 169 -16.09 7.71 10.95
CA PHE A 169 -16.07 6.68 11.98
C PHE A 169 -17.31 5.81 11.91
N GLU A 170 -18.49 6.45 11.89
CA GLU A 170 -19.74 5.69 11.85
C GLU A 170 -19.84 4.85 10.58
N ASP A 171 -19.49 5.42 9.42
CA ASP A 171 -19.65 4.69 8.17
C ASP A 171 -18.74 3.46 8.13
N LEU A 172 -17.48 3.60 8.56
CA LEU A 172 -16.59 2.44 8.53
C LEU A 172 -17.03 1.39 9.55
N CYS A 173 -17.44 1.83 10.75
CA CYS A 173 -17.92 0.85 11.72
C CYS A 173 -19.16 0.14 11.20
N ARG A 174 -20.06 0.87 10.54
CA ARG A 174 -21.28 0.23 10.01
C ARG A 174 -20.93 -0.81 8.96
N LEU A 175 -19.98 -0.50 8.07
CA LEU A 175 -19.56 -1.48 7.09
C LEU A 175 -19.00 -2.74 7.76
N ILE A 176 -18.11 -2.55 8.74
CA ILE A 176 -17.50 -3.70 9.40
C ILE A 176 -18.55 -4.51 10.17
N ILE A 177 -19.48 -3.83 10.85
CA ILE A 177 -20.50 -4.57 11.60
C ILE A 177 -21.44 -5.30 10.65
N ASP A 178 -21.78 -4.71 9.48
CA ASP A 178 -22.59 -5.43 8.48
C ASP A 178 -21.92 -6.75 8.13
N VAL A 179 -20.60 -6.72 7.89
CA VAL A 179 -19.89 -7.97 7.60
C VAL A 179 -19.89 -8.90 8.81
N ALA A 180 -19.72 -8.34 10.02
CA ALA A 180 -19.77 -9.15 11.23
C ALA A 180 -21.09 -9.88 11.37
N VAL A 181 -22.21 -9.23 10.99
CA VAL A 181 -23.52 -9.86 11.06
C VAL A 181 -23.56 -11.08 10.15
N LEU A 182 -22.95 -10.96 8.95
CA LEU A 182 -22.90 -12.14 8.06
C LEU A 182 -21.99 -13.25 8.60
N VAL A 183 -20.87 -12.88 9.25
CA VAL A 183 -20.01 -13.90 9.86
C VAL A 183 -20.76 -14.60 10.99
N ALA A 184 -21.48 -13.82 11.80
CA ALA A 184 -22.32 -14.37 12.86
C ALA A 184 -23.37 -15.33 12.30
N ARG A 185 -23.96 -14.98 11.15
CA ARG A 185 -24.93 -15.86 10.50
C ARG A 185 -24.30 -17.20 10.13
N ALA A 186 -23.08 -17.16 9.61
CA ALA A 186 -22.39 -18.42 9.30
C ALA A 186 -22.14 -19.23 10.58
N CYS A 187 -21.72 -18.55 11.65
CA CYS A 187 -21.55 -19.22 12.95
C CYS A 187 -22.86 -19.85 13.40
N ASP A 188 -23.99 -19.16 13.20
CA ASP A 188 -25.29 -19.74 13.55
C ASP A 188 -25.57 -20.99 12.73
N ARG A 189 -25.24 -20.99 11.44
CA ARG A 189 -25.45 -22.21 10.66
C ARG A 189 -24.69 -23.38 11.26
N PHE A 190 -23.43 -23.14 11.65
CA PHE A 190 -22.64 -24.19 12.30
C PHE A 190 -23.30 -24.65 13.60
N ALA A 191 -23.69 -23.71 14.46
CA ALA A 191 -24.24 -24.07 15.77
C ALA A 191 -25.60 -24.77 15.65
N GLU A 192 -26.43 -24.33 14.71
CA GLU A 192 -27.72 -24.96 14.47
C GLU A 192 -27.54 -26.39 14.00
N LYS A 193 -26.43 -26.66 13.30
CA LYS A 193 -26.20 -28.05 12.90
C LYS A 193 -25.57 -28.89 14.00
N GLN A 194 -24.79 -28.28 14.91
CA GLN A 194 -23.93 -29.05 15.81
C GLN A 194 -24.34 -29.04 17.28
N ILE A 195 -25.22 -28.15 17.70
CA ILE A 195 -25.55 -27.95 19.12
C ILE A 195 -27.04 -28.21 19.31
N ALA A 196 -27.38 -29.27 20.04
CA ALA A 196 -28.78 -29.54 20.32
C ALA A 196 -29.37 -28.47 21.23
N GLY A 197 -30.53 -27.94 20.85
CA GLY A 197 -31.21 -26.92 21.64
C GLY A 197 -30.76 -25.50 21.38
N TYR A 198 -29.81 -25.28 20.49
CA TYR A 198 -29.34 -23.94 20.19
C TYR A 198 -30.47 -23.09 19.63
N PRO A 199 -30.58 -21.82 20.04
CA PRO A 199 -31.63 -20.94 19.48
C PRO A 199 -31.25 -20.51 18.08
N ALA A 200 -32.09 -20.83 17.11
CA ALA A 200 -31.80 -20.50 15.72
C ALA A 200 -31.54 -19.02 15.57
N GLY A 201 -30.47 -18.68 14.86
CA GLY A 201 -30.21 -17.30 14.53
C GLY A 201 -29.70 -16.44 15.67
N TYR A 202 -29.22 -17.06 16.75
CA TYR A 202 -28.93 -16.30 17.98
C TYR A 202 -27.81 -15.29 17.79
N LEU A 203 -26.65 -15.71 17.27
CA LEU A 203 -25.51 -14.80 17.20
C LEU A 203 -25.78 -13.65 16.22
N GLU A 204 -26.45 -13.95 15.10
CA GLU A 204 -26.80 -12.88 14.16
C GLU A 204 -27.67 -11.83 14.83
N GLY A 205 -28.68 -12.26 15.60
CA GLY A 205 -29.53 -11.30 16.28
C GLY A 205 -28.81 -10.53 17.34
N VAL A 206 -27.91 -11.21 18.08
CA VAL A 206 -27.15 -10.54 19.13
C VAL A 206 -26.27 -9.43 18.57
N VAL A 207 -25.56 -9.71 17.46
CA VAL A 207 -24.66 -8.71 16.89
C VAL A 207 -25.46 -7.58 16.24
N LYS A 208 -26.53 -7.93 15.52
CA LYS A 208 -27.27 -6.94 14.75
C LYS A 208 -28.00 -5.93 15.63
N THR A 209 -28.38 -6.32 16.85
CA THR A 209 -29.17 -5.47 17.74
C THR A 209 -28.35 -4.91 18.90
N SER A 210 -27.05 -5.14 18.92
CA SER A 210 -26.26 -4.72 20.07
C SER A 210 -26.08 -3.21 20.12
N THR A 211 -26.27 -2.64 21.31
CA THR A 211 -25.86 -1.27 21.57
C THR A 211 -24.61 -1.17 22.44
N THR A 212 -23.97 -2.31 22.74
CA THR A 212 -22.73 -2.35 23.53
C THR A 212 -21.48 -2.57 22.70
N THR A 213 -21.62 -3.00 21.45
CA THR A 213 -20.48 -3.12 20.54
C THR A 213 -19.59 -1.87 20.62
N LYS A 214 -18.29 -2.09 20.73
CA LYS A 214 -17.37 -1.00 21.04
C LYS A 214 -16.27 -0.94 19.99
N ALA A 215 -16.04 0.23 19.40
CA ALA A 215 -14.96 0.39 18.42
C ALA A 215 -13.78 1.13 19.07
N ARG A 216 -12.57 0.72 18.68
CA ARG A 216 -11.33 1.29 19.20
C ARG A 216 -10.42 1.68 18.04
N LEU A 217 -10.12 2.97 17.97
CA LEU A 217 -9.17 3.50 17.00
C LEU A 217 -7.88 3.75 17.76
N LEU A 218 -6.80 3.09 17.34
CA LEU A 218 -5.52 3.11 18.06
C LEU A 218 -4.45 3.82 17.24
N HIS A 219 -3.67 4.66 17.91
CA HIS A 219 -2.57 5.43 17.31
C HIS A 219 -1.29 5.16 18.10
N TYR A 220 -0.33 4.48 17.49
CA TYR A 220 1.02 4.39 18.04
C TYR A 220 1.81 5.64 17.65
N PHE A 221 2.28 6.36 18.67
CA PHE A 221 3.08 7.55 18.48
C PHE A 221 4.49 7.18 18.01
N PRO A 222 5.08 7.96 17.12
CA PRO A 222 6.46 7.67 16.71
C PRO A 222 7.41 7.75 17.88
N GLU A 223 8.47 6.95 17.84
CA GLU A 223 9.45 6.99 18.92
C GLU A 223 10.85 6.89 18.33
N GLU A 224 11.81 7.51 19.01
CA GLU A 224 13.20 7.56 18.55
C GLU A 224 14.00 6.40 19.13
N ALA A 225 14.94 5.91 18.32
CA ALA A 225 15.76 4.75 18.70
C ALA A 225 16.52 4.96 20.00
N CYS A 246 1.60 -11.92 31.64
CA CYS A 246 1.06 -12.59 30.47
C CYS A 246 1.02 -11.67 29.25
N ALA A 247 1.66 -12.11 28.17
CA ALA A 247 1.73 -11.27 26.97
C ALA A 247 0.47 -11.36 26.12
N THR A 248 -0.26 -12.48 26.19
CA THR A 248 -1.46 -12.63 25.40
C THR A 248 -2.71 -12.19 26.15
N HIS A 249 -3.77 -11.99 25.38
CA HIS A 249 -5.10 -11.79 25.92
C HIS A 249 -6.08 -12.53 25.03
N LEU A 250 -7.30 -12.65 25.55
CA LEU A 250 -8.44 -13.11 24.80
C LEU A 250 -9.39 -11.92 24.65
N ASP A 251 -9.96 -11.76 23.47
CA ASP A 251 -11.04 -10.78 23.34
C ASP A 251 -12.26 -11.31 24.08
N HIS A 252 -13.00 -10.42 24.72
CA HIS A 252 -14.07 -10.93 25.57
CA HIS A 252 -14.10 -10.76 25.62
C HIS A 252 -15.44 -10.90 24.92
N GLY A 253 -15.60 -10.27 23.76
CA GLY A 253 -16.88 -10.18 23.07
C GLY A 253 -17.19 -11.34 22.16
N CYS A 254 -17.93 -11.07 21.08
CA CYS A 254 -18.32 -12.12 20.14
C CYS A 254 -17.38 -12.18 18.96
N LEU A 255 -17.35 -11.12 18.14
CA LEU A 255 -16.53 -11.11 16.94
C LEU A 255 -15.87 -9.76 16.82
N THR A 256 -14.56 -9.74 16.72
CA THR A 256 -13.80 -8.49 16.61
C THR A 256 -13.40 -8.27 15.16
N GLY A 257 -13.97 -7.23 14.53
CA GLY A 257 -13.57 -6.84 13.18
C GLY A 257 -12.29 -6.02 13.21
N LEU A 258 -11.41 -6.28 12.25
CA LEU A 258 -10.08 -5.68 12.25
C LEU A 258 -9.74 -5.17 10.87
N THR A 259 -9.11 -3.98 10.83
CA THR A 259 -8.43 -3.56 9.61
C THR A 259 -6.95 -3.92 9.70
N SER A 260 -6.30 -3.98 8.53
CA SER A 260 -4.84 -3.99 8.53
C SER A 260 -4.32 -2.63 9.01
N ALA A 261 -3.11 -2.64 9.55
CA ALA A 261 -2.55 -1.39 10.09
C ALA A 261 -2.08 -0.45 8.99
N MET A 262 -2.18 0.86 9.28
CA MET A 262 -1.65 1.91 8.41
C MET A 262 -0.43 2.53 9.09
N PHE A 263 0.72 2.48 8.43
CA PHE A 263 1.89 3.21 8.92
C PHE A 263 1.96 4.54 8.19
N VAL A 264 2.30 5.59 8.93
CA VAL A 264 2.33 6.96 8.42
C VAL A 264 3.67 7.59 8.80
N ASP A 265 4.34 8.19 7.81
CA ASP A 265 5.53 9.02 8.09
C ASP A 265 5.00 10.42 8.38
N GLU A 266 4.91 10.76 9.66
CA GLU A 266 4.29 12.01 10.07
C GLU A 266 5.21 13.20 9.91
N ALA A 267 6.49 12.97 9.61
CA ALA A 267 7.33 14.08 9.15
C ALA A 267 7.03 14.42 7.68
N ALA A 268 6.88 13.40 6.83
CA ALA A 268 6.60 13.60 5.41
C ALA A 268 5.18 14.13 5.19
N THR A 269 4.19 13.60 5.91
CA THR A 269 2.80 14.05 5.80
C THR A 269 2.34 14.42 7.22
N PRO A 270 2.53 15.67 7.64
CA PRO A 270 2.27 16.05 9.04
C PRO A 270 0.82 15.85 9.41
N PRO A 271 0.56 15.30 10.61
CA PRO A 271 -0.81 15.02 11.06
C PRO A 271 -1.50 16.25 11.63
N VAL A 272 -1.64 17.26 10.77
CA VAL A 272 -2.10 18.60 11.14
C VAL A 272 -3.30 18.94 10.26
N VAL A 273 -4.39 19.35 10.91
CA VAL A 273 -5.64 19.70 10.22
C VAL A 273 -5.48 21.08 9.58
N ASN A 274 -5.38 21.11 8.26
CA ASN A 274 -5.19 22.36 7.54
C ASN A 274 -6.10 22.44 6.32
N GLY A 279 -13.25 23.13 1.91
CA GLY A 279 -12.43 22.00 1.48
C GLY A 279 -12.52 20.79 2.41
N SER A 280 -12.35 19.62 1.82
CA SER A 280 -12.37 18.38 2.59
C SER A 280 -11.00 18.10 3.20
N LEU A 281 -10.97 17.16 4.15
CA LEU A 281 -9.76 16.84 4.88
C LEU A 281 -9.04 15.69 4.20
N PRO A 282 -7.86 15.91 3.61
CA PRO A 282 -7.23 14.84 2.85
C PRO A 282 -6.67 13.77 3.76
N PRO A 283 -6.62 12.53 3.30
CA PRO A 283 -5.93 11.49 4.06
C PRO A 283 -4.42 11.73 4.05
N LEU A 284 -3.77 11.12 5.03
CA LEU A 284 -2.32 11.17 5.18
C LEU A 284 -1.68 10.05 4.37
N GLY A 285 -0.37 10.15 4.16
CA GLY A 285 0.33 9.18 3.35
C GLY A 285 0.55 7.85 4.02
N GLU A 286 0.02 6.78 3.46
CA GLU A 286 0.25 5.45 4.00
C GLU A 286 1.55 4.89 3.43
N LEU A 287 2.42 4.38 4.29
CA LEU A 287 3.62 3.72 3.78
C LEU A 287 3.21 2.41 3.12
N PRO A 288 3.71 2.13 1.91
CA PRO A 288 3.31 0.89 1.22
C PRO A 288 3.62 -0.37 2.01
N THR A 289 4.74 -0.39 2.72
CA THR A 289 5.25 -1.57 3.41
C THR A 289 5.57 -1.19 4.85
N SER A 290 5.31 -2.10 5.78
CA SER A 290 5.64 -1.86 7.16
C SER A 290 7.14 -1.59 7.33
N PRO A 291 7.53 -0.63 8.16
CA PRO A 291 8.96 -0.42 8.44
C PRO A 291 9.59 -1.47 9.34
N ASP A 292 8.79 -2.32 9.99
CA ASP A 292 9.31 -3.30 10.94
C ASP A 292 8.56 -4.61 10.70
N PRO A 293 9.20 -5.59 10.07
CA PRO A 293 8.48 -6.84 9.77
C PRO A 293 8.05 -7.61 11.01
N LYS A 294 8.60 -7.31 12.19
CA LYS A 294 8.17 -7.95 13.43
C LYS A 294 6.94 -7.30 14.04
N ALA A 295 6.52 -6.13 13.57
CA ALA A 295 5.28 -5.56 14.07
C ALA A 295 4.09 -6.37 13.56
N GLY A 296 3.02 -6.41 14.37
CA GLY A 296 1.79 -7.01 13.89
C GLY A 296 1.17 -7.94 14.92
N LEU A 297 0.27 -8.79 14.41
CA LEU A 297 -0.53 -9.69 15.21
C LEU A 297 0.13 -11.04 15.36
N TYR A 298 0.13 -11.57 16.58
CA TYR A 298 0.72 -12.86 16.90
C TYR A 298 -0.31 -13.69 17.61
N ILE A 299 -0.45 -14.95 17.22
CA ILE A 299 -1.50 -15.84 17.76
C ILE A 299 -0.84 -17.11 18.27
N LYS A 300 -1.28 -17.53 19.45
CA LYS A 300 -0.79 -18.75 20.09
C LYS A 300 -1.93 -19.76 20.08
N SER A 301 -1.92 -20.67 19.10
CA SER A 301 -2.93 -21.72 19.06
C SER A 301 -2.67 -22.73 20.18
N ARG A 302 -3.54 -23.74 20.27
CA ARG A 302 -3.34 -24.74 21.32
C ARG A 302 -2.08 -25.58 21.12
N THR A 303 -1.39 -25.45 19.98
CA THR A 303 -0.07 -26.07 19.85
C THR A 303 0.95 -25.51 20.83
N GLY A 304 0.67 -24.34 21.42
CA GLY A 304 1.56 -23.73 22.38
C GLY A 304 2.64 -22.85 21.83
N GLN A 305 2.78 -22.79 20.50
CA GLN A 305 3.77 -21.95 19.85
C GLN A 305 3.07 -20.82 19.12
N THR A 306 3.74 -19.67 19.07
CA THR A 306 3.19 -18.43 18.56
C THR A 306 3.62 -18.17 17.11
N VAL A 307 2.66 -17.78 16.26
CA VAL A 307 2.91 -17.45 14.87
C VAL A 307 2.43 -16.03 14.57
N GLN A 308 3.06 -15.39 13.59
CA GLN A 308 2.61 -14.08 13.11
C GLN A 308 1.55 -14.28 12.04
N VAL A 309 0.51 -13.44 12.06
CA VAL A 309 -0.59 -13.56 11.10
C VAL A 309 -0.88 -12.19 10.52
N LYS A 310 -0.98 -12.12 9.19
CA LYS A 310 -1.14 -10.86 8.50
C LYS A 310 -2.55 -10.71 7.94
N ILE A 311 -3.02 -9.46 7.91
CA ILE A 311 -4.31 -9.11 7.30
C ILE A 311 -4.01 -8.36 6.00
N PRO A 312 -4.43 -8.87 4.84
CA PRO A 312 -4.25 -8.10 3.60
C PRO A 312 -4.95 -6.75 3.68
N ARG A 313 -4.32 -5.74 3.07
CA ARG A 313 -4.80 -4.37 3.19
C ARG A 313 -6.24 -4.21 2.70
N ASP A 314 -6.67 -5.03 1.73
CA ASP A 314 -8.01 -4.94 1.16
C ASP A 314 -9.03 -5.84 1.84
N CYS A 315 -8.68 -6.41 2.99
CA CYS A 315 -9.55 -7.37 3.66
C CYS A 315 -9.95 -6.87 5.04
N ILE A 316 -10.96 -7.52 5.62
CA ILE A 316 -11.33 -7.33 7.01
C ILE A 316 -11.19 -8.66 7.71
N ALA A 317 -10.59 -8.67 8.90
CA ALA A 317 -10.49 -9.94 9.62
C ALA A 317 -11.42 -9.93 10.83
N PHE A 318 -11.78 -11.13 11.30
CA PHE A 318 -12.65 -11.27 12.46
C PHE A 318 -12.05 -12.27 13.41
N GLN A 319 -11.83 -11.86 14.66
CA GLN A 319 -11.37 -12.76 15.71
C GLN A 319 -12.53 -13.14 16.63
N THR A 320 -12.57 -14.40 17.03
CA THR A 320 -13.56 -14.83 18.00
C THR A 320 -13.20 -14.36 19.40
N GLY A 321 -14.23 -14.08 20.21
CA GLY A 321 -14.06 -13.69 21.59
C GLY A 321 -14.74 -14.64 22.55
N GLU A 322 -14.53 -14.39 23.85
CA GLU A 322 -14.99 -15.34 24.88
C GLU A 322 -16.50 -15.45 24.93
N ALA A 323 -17.23 -14.38 24.63
CA ALA A 323 -18.68 -14.50 24.67
C ALA A 323 -19.19 -15.46 23.58
N LEU A 324 -18.57 -15.41 22.39
CA LEU A 324 -18.98 -16.35 21.34
C LEU A 324 -18.58 -17.77 21.71
N GLU A 325 -17.39 -17.94 22.31
CA GLU A 325 -17.01 -19.25 22.82
C GLU A 325 -18.04 -19.80 23.79
N ARG A 326 -18.52 -18.96 24.72
CA ARG A 326 -19.50 -19.44 25.68
C ARG A 326 -20.83 -19.77 24.99
N ILE A 327 -21.25 -18.93 24.04
CA ILE A 327 -22.52 -19.15 23.34
C ILE A 327 -22.50 -20.45 22.54
N THR A 328 -21.33 -20.84 22.02
CA THR A 328 -21.20 -22.08 21.26
C THR A 328 -20.73 -23.25 22.12
N GLY A 329 -20.74 -23.09 23.44
CA GLY A 329 -20.34 -24.16 24.33
C GLY A 329 -18.93 -24.66 24.10
N GLY A 330 -18.03 -23.77 23.67
CA GLY A 330 -16.65 -24.13 23.42
C GLY A 330 -16.39 -24.78 22.08
N LYS A 331 -17.41 -24.94 21.24
CA LYS A 331 -17.19 -25.54 19.93
C LYS A 331 -16.40 -24.62 19.02
N PHE A 332 -16.58 -23.30 19.18
CA PHE A 332 -15.65 -22.31 18.70
C PHE A 332 -14.93 -21.71 19.90
N LYS A 333 -13.70 -21.26 19.68
CA LYS A 333 -12.82 -20.86 20.79
C LYS A 333 -12.27 -19.47 20.57
N ALA A 334 -12.16 -18.72 21.66
CA ALA A 334 -11.32 -17.51 21.67
C ALA A 334 -9.88 -17.97 21.84
N VAL A 335 -8.99 -17.46 21.00
CA VAL A 335 -7.61 -17.94 20.91
C VAL A 335 -6.68 -16.84 21.39
N PRO A 336 -5.74 -17.13 22.29
CA PRO A 336 -4.84 -16.09 22.83
C PRO A 336 -3.98 -15.44 21.76
N HIS A 337 -3.76 -14.14 21.89
CA HIS A 337 -3.02 -13.39 20.87
C HIS A 337 -2.52 -12.09 21.47
N PHE A 338 -1.67 -11.39 20.71
CA PHE A 338 -1.24 -10.04 21.09
C PHE A 338 -0.76 -9.31 19.85
N VAL A 339 -0.66 -7.99 19.98
CA VAL A 339 -0.18 -7.13 18.90
C VAL A 339 1.08 -6.41 19.37
N ARG A 340 2.09 -6.37 18.50
CA ARG A 340 3.34 -5.65 18.70
C ARG A 340 3.39 -4.44 17.78
N GLY A 341 3.80 -3.27 18.31
CA GLY A 341 4.08 -2.14 17.44
C GLY A 341 5.49 -2.24 16.85
N ALA A 342 5.84 -1.24 16.05
CA ALA A 342 7.17 -1.20 15.43
C ALA A 342 8.22 -0.78 16.45
N ARG A 343 9.40 -1.38 16.35
CA ARG A 343 10.51 -1.01 17.21
C ARG A 343 10.99 0.40 16.90
N ALA A 344 11.46 1.09 17.95
CA ALA A 344 11.83 2.50 17.81
C ALA A 344 12.90 2.70 16.75
N GLU A 345 13.86 1.76 16.64
CA GLU A 345 14.87 1.86 15.58
C GLU A 345 14.23 2.02 14.21
N MET A 346 13.08 1.38 13.98
CA MET A 346 12.41 1.47 12.70
C MET A 346 11.39 2.60 12.62
N SER A 347 10.79 2.98 13.75
CA SER A 347 9.94 4.18 13.72
C SER A 347 10.76 5.43 13.45
N ALA A 348 11.99 5.48 14.00
CA ALA A 348 12.95 6.55 13.73
C ALA A 348 12.40 7.93 14.05
N GLY A 349 11.54 8.00 15.07
CA GLY A 349 10.91 9.24 15.47
C GLY A 349 9.95 9.84 14.49
N ARG A 350 9.63 9.13 13.40
CA ARG A 350 8.75 9.68 12.38
C ARG A 350 7.52 8.84 12.07
N ILE A 351 7.58 7.52 12.24
CA ILE A 351 6.55 6.64 11.71
C ILE A 351 5.60 6.23 12.81
N ALA A 352 4.32 6.54 12.61
CA ALA A 352 3.22 6.19 13.48
C ALA A 352 2.48 5.00 12.90
N ARG A 353 1.66 4.33 13.74
CA ARG A 353 0.90 3.16 13.32
C ARG A 353 -0.55 3.27 13.78
N ASN A 354 -1.51 3.15 12.85
CA ASN A 354 -2.94 3.33 13.15
C ASN A 354 -3.74 2.08 12.81
N THR A 355 -4.65 1.70 13.70
CA THR A 355 -5.56 0.57 13.45
C THR A 355 -6.96 0.83 13.98
N LEU A 356 -7.90 0.04 13.47
CA LEU A 356 -9.27 0.02 13.97
C LEU A 356 -9.67 -1.41 14.32
N ALA A 357 -10.30 -1.55 15.50
CA ALA A 357 -10.90 -2.82 15.92
C ALA A 357 -12.35 -2.53 16.32
N VAL A 358 -13.26 -3.41 15.97
CA VAL A 358 -14.67 -3.27 16.30
C VAL A 358 -15.07 -4.52 17.08
N PHE A 359 -15.24 -4.37 18.40
CA PHE A 359 -15.58 -5.49 19.29
C PHE A 359 -17.10 -5.66 19.30
N THR A 360 -17.64 -6.47 18.40
CA THR A 360 -19.06 -6.75 18.47
C THR A 360 -19.30 -7.74 19.62
N GLN A 361 -20.36 -7.47 20.39
CA GLN A 361 -20.61 -8.20 21.63
C GLN A 361 -22.09 -8.01 21.99
N PRO A 362 -22.61 -8.85 22.90
CA PRO A 362 -24.05 -8.80 23.19
C PRO A 362 -24.47 -7.61 24.03
N ASN A 363 -25.77 -7.35 24.01
CA ASN A 363 -26.32 -6.46 25.01
C ASN A 363 -26.19 -7.11 26.40
N LEU A 364 -26.15 -6.26 27.43
CA LEU A 364 -25.80 -6.74 28.76
C LEU A 364 -26.79 -7.77 29.28
N GLY A 365 -28.05 -7.71 28.85
CA GLY A 365 -29.05 -8.66 29.31
C GLY A 365 -29.15 -9.95 28.50
N ASP A 366 -28.42 -10.06 27.40
CA ASP A 366 -28.44 -11.27 26.57
C ASP A 366 -27.66 -12.38 27.24
N GLU A 367 -28.16 -13.61 27.14
CA GLU A 367 -27.45 -14.75 27.71
C GLU A 367 -26.23 -15.12 26.88
N VAL A 368 -25.13 -15.45 27.57
CA VAL A 368 -23.95 -16.00 26.93
C VAL A 368 -23.74 -17.46 27.34
N ASP A 369 -24.11 -17.86 28.54
CA ASP A 369 -24.15 -19.26 28.95
C ASP A 369 -25.62 -19.62 29.05
N MET A 370 -26.08 -20.41 28.08
CA MET A 370 -27.51 -20.67 27.99
C MET A 370 -27.97 -21.82 28.87
N GLU A 371 -27.03 -22.56 29.47
CA GLU A 371 -27.39 -23.56 30.47
C GLU A 371 -27.59 -22.93 31.84
N GLN A 372 -26.62 -22.13 32.28
CA GLN A 372 -26.70 -21.48 33.58
C GLN A 372 -27.38 -20.14 33.53
N HIS A 373 -27.72 -19.66 32.33
CA HIS A 373 -28.44 -18.40 32.13
C HIS A 373 -27.62 -17.22 32.64
N ILE A 374 -26.32 -17.27 32.37
CA ILE A 374 -25.44 -16.15 32.70
C ILE A 374 -25.51 -15.14 31.58
N THR A 375 -25.76 -13.88 31.92
CA THR A 375 -25.86 -12.82 30.94
C THR A 375 -24.50 -12.25 30.60
N PHE A 376 -24.45 -11.45 29.54
CA PHE A 376 -23.18 -10.85 29.17
C PHE A 376 -22.69 -9.88 30.25
N GLY A 377 -23.60 -9.13 30.88
CA GLY A 377 -23.19 -8.25 31.97
C GLY A 377 -22.58 -9.01 33.14
N GLU A 378 -23.22 -10.11 33.53
CA GLU A 378 -22.66 -10.96 34.58
C GLU A 378 -21.31 -11.53 34.16
N PHE A 379 -21.23 -12.04 32.94
CA PHE A 379 -20.00 -12.59 32.40
C PHE A 379 -18.88 -11.55 32.43
N ALA A 380 -19.20 -10.31 32.06
CA ALA A 380 -18.24 -9.22 32.08
C ALA A 380 -17.80 -8.88 33.50
N ARG A 381 -18.66 -9.11 34.49
CA ARG A 381 -18.27 -8.86 35.87
C ARG A 381 -17.55 -10.06 36.49
N GLY A 382 -17.18 -11.05 35.69
CA GLY A 382 -16.40 -12.18 36.14
C GLY A 382 -17.19 -13.36 36.67
N ILE A 383 -18.51 -13.35 36.54
CA ILE A 383 -19.32 -14.46 37.03
C ILE A 383 -19.15 -15.64 36.08
N VAL A 384 -18.80 -16.80 36.63
CA VAL A 384 -18.60 -18.00 35.84
C VAL A 384 -19.54 -19.12 36.22
N ALA A 385 -20.36 -18.92 37.25
CA ALA A 385 -21.33 -19.92 37.69
C ALA A 385 -22.51 -19.19 38.32
N LYS A 386 -23.69 -19.78 38.17
CA LYS A 386 -24.92 -19.12 38.59
C LYS A 386 -25.98 -20.17 38.93
N ASN A 387 -26.63 -19.96 40.07
CA ASN A 387 -27.80 -20.75 40.45
C ASN A 387 -28.55 -20.08 41.61
N MET B 21 28.11 -9.51 -34.53
CA MET B 21 27.79 -8.75 -33.31
C MET B 21 28.16 -7.29 -33.43
N ALA B 22 27.34 -6.44 -32.82
CA ALA B 22 27.72 -5.04 -32.73
C ALA B 22 28.82 -4.89 -31.68
N PRO B 23 29.65 -3.86 -31.80
CA PRO B 23 30.63 -3.63 -30.73
C PRO B 23 29.91 -3.32 -29.43
N ILE B 24 30.50 -3.75 -28.33
CA ILE B 24 29.96 -3.47 -27.00
C ILE B 24 30.70 -2.27 -26.42
N ALA B 25 29.96 -1.30 -25.92
CA ALA B 25 30.55 -0.12 -25.31
C ALA B 25 30.26 -0.11 -23.82
N GLN B 26 31.23 0.41 -23.07
CA GLN B 26 31.09 0.55 -21.63
C GLN B 26 30.48 1.91 -21.33
N ALA B 27 29.34 1.91 -20.64
CA ALA B 27 28.71 3.16 -20.27
C ALA B 27 29.48 3.83 -19.14
N VAL B 28 29.47 5.17 -19.14
CA VAL B 28 30.04 5.91 -18.02
C VAL B 28 29.33 5.51 -16.75
N THR B 29 30.10 5.22 -15.70
CA THR B 29 29.58 4.69 -14.45
C THR B 29 30.02 5.59 -13.29
N VAL B 30 29.07 5.92 -12.41
CA VAL B 30 29.40 6.68 -11.20
C VAL B 30 28.82 5.95 -10.00
N SER B 31 29.34 6.29 -8.82
CA SER B 31 28.89 5.70 -7.57
C SER B 31 27.77 6.53 -6.96
N LEU B 32 26.76 5.85 -6.44
CA LEU B 32 25.70 6.53 -5.70
C LEU B 32 26.26 7.34 -4.54
N ASN B 33 27.35 6.89 -3.92
CA ASN B 33 27.96 7.64 -2.83
C ASN B 33 28.35 9.04 -3.30
N ASP B 34 28.92 9.14 -4.51
CA ASP B 34 29.30 10.44 -5.04
C ASP B 34 28.09 11.27 -5.42
N LEU B 35 27.01 10.64 -5.89
CA LEU B 35 25.78 11.39 -6.15
C LEU B 35 25.21 11.94 -4.85
N LYS B 36 25.21 11.15 -3.79
CA LYS B 36 24.67 11.62 -2.51
C LYS B 36 25.53 12.71 -1.91
N ASN B 37 26.84 12.68 -2.12
CA ASN B 37 27.74 13.66 -1.53
C ASN B 37 27.93 14.90 -2.37
N GLY B 38 27.38 14.93 -3.58
CA GLY B 38 27.57 16.07 -4.44
C GLY B 38 28.96 16.16 -5.04
N THR B 39 29.67 15.04 -5.12
CA THR B 39 31.04 15.01 -5.61
C THR B 39 31.20 14.27 -6.93
N VAL B 40 30.11 13.95 -7.63
CA VAL B 40 30.27 13.30 -8.93
C VAL B 40 31.04 14.21 -9.88
N SER B 41 31.92 13.62 -10.68
CA SER B 41 32.69 14.40 -11.63
C SER B 41 31.78 14.95 -12.72
N LEU B 42 31.82 16.27 -12.92
CA LEU B 42 31.04 16.88 -14.00
C LEU B 42 31.65 16.58 -15.36
N GLU B 43 32.96 16.33 -15.41
CA GLU B 43 33.56 15.83 -16.65
CA GLU B 43 33.57 15.83 -16.64
C GLU B 43 32.98 14.48 -17.02
N ALA B 44 32.84 13.58 -16.05
CA ALA B 44 32.22 12.29 -16.32
C ALA B 44 30.75 12.44 -16.70
N LEU B 45 30.04 13.36 -16.03
CA LEU B 45 28.63 13.56 -16.35
C LEU B 45 28.47 14.04 -17.79
N GLU B 46 29.32 14.97 -18.22
CA GLU B 46 29.25 15.41 -19.61
C GLU B 46 29.69 14.29 -20.56
N GLU B 47 30.63 13.45 -20.13
CA GLU B 47 31.01 12.31 -20.96
C GLU B 47 29.84 11.34 -21.14
N ALA B 48 28.96 11.26 -20.13
CA ALA B 48 27.81 10.36 -20.19
C ALA B 48 26.63 10.96 -20.95
N PHE B 49 26.45 12.29 -20.89
CA PHE B 49 25.22 12.92 -21.33
C PHE B 49 25.40 13.98 -22.42
N GLY B 50 26.64 14.32 -22.80
CA GLY B 50 26.89 15.41 -23.73
C GLY B 50 26.62 15.05 -25.18
N PRO B 51 26.88 16.01 -26.07
CA PRO B 51 26.55 15.83 -27.49
C PRO B 51 27.24 14.67 -28.16
N ASP B 52 28.42 14.27 -27.71
CA ASP B 52 29.15 13.14 -28.27
C ASP B 52 28.96 11.87 -27.46
N SER B 53 28.03 11.87 -26.50
CA SER B 53 27.92 10.80 -25.54
C SER B 53 26.99 9.69 -26.02
N LEU B 54 26.88 8.66 -25.20
CA LEU B 54 25.90 7.59 -25.39
C LEU B 54 24.55 7.94 -24.75
N GLY B 55 24.44 9.09 -24.10
CA GLY B 55 23.20 9.50 -23.47
C GLY B 55 22.74 8.58 -22.35
N ILE B 56 23.67 7.96 -21.62
CA ILE B 56 23.30 7.01 -20.57
C ILE B 56 24.38 7.05 -19.49
N LEU B 57 23.94 6.91 -18.25
CA LEU B 57 24.80 6.89 -17.07
C LEU B 57 24.44 5.68 -16.22
N VAL B 58 25.42 4.87 -15.84
CA VAL B 58 25.19 3.73 -14.94
C VAL B 58 25.57 4.15 -13.53
N VAL B 59 24.70 3.86 -12.56
CA VAL B 59 24.92 4.16 -11.16
C VAL B 59 25.11 2.84 -10.42
N LYS B 60 26.28 2.70 -9.78
CA LYS B 60 26.65 1.54 -8.99
C LYS B 60 26.57 1.87 -7.49
N ASP B 61 26.83 0.86 -6.65
CA ASP B 61 26.75 1.02 -5.18
C ASP B 61 25.34 1.42 -4.75
N VAL B 62 24.33 0.81 -5.36
CA VAL B 62 22.94 1.20 -5.11
C VAL B 62 22.49 0.62 -3.78
N PRO B 63 21.37 1.09 -3.20
CA PRO B 63 20.94 0.56 -1.89
C PRO B 63 20.74 -0.95 -1.91
N ALA B 64 20.96 -1.57 -0.74
CA ALA B 64 20.90 -3.02 -0.66
C ALA B 64 19.53 -3.57 -1.05
N GLU B 65 18.47 -2.79 -0.82
CA GLU B 65 17.13 -3.27 -1.14
C GLU B 65 16.82 -3.32 -2.63
N PHE B 66 17.66 -2.70 -3.49
CA PHE B 66 17.33 -2.63 -4.91
C PHE B 66 17.19 -4.02 -5.53
N ALA B 67 18.17 -4.90 -5.32
CA ALA B 67 18.18 -6.18 -6.04
C ALA B 67 16.90 -6.96 -5.80
N GLU B 68 16.48 -7.06 -4.54
CA GLU B 68 15.26 -7.81 -4.27
C GLU B 68 14.05 -7.13 -4.88
N LEU B 69 13.98 -5.79 -4.80
CA LEU B 69 12.84 -5.09 -5.37
C LEU B 69 12.80 -5.29 -6.89
N ARG B 70 13.97 -5.21 -7.55
CA ARG B 70 13.99 -5.42 -8.99
C ARG B 70 13.49 -6.81 -9.31
N HIS B 71 14.03 -7.81 -8.59
CA HIS B 71 13.67 -9.18 -8.87
C HIS B 71 12.18 -9.39 -8.66
N ARG B 72 11.62 -8.79 -7.60
CA ARG B 72 10.20 -9.00 -7.34
C ARG B 72 9.35 -8.31 -8.40
N LEU B 73 9.69 -7.06 -8.76
CA LEU B 73 8.77 -6.34 -9.62
C LEU B 73 8.80 -6.89 -11.04
N LEU B 74 10.00 -7.22 -11.53
CA LEU B 74 10.07 -7.85 -12.84
C LEU B 74 9.35 -9.21 -12.82
N SER B 75 9.38 -9.93 -11.69
CA SER B 75 8.57 -11.15 -11.60
C SER B 75 7.09 -10.82 -11.69
N TYR B 76 6.66 -9.72 -11.04
CA TYR B 76 5.25 -9.33 -11.10
C TYR B 76 4.82 -9.07 -12.53
N SER B 77 5.74 -8.61 -13.40
CA SER B 77 5.35 -8.41 -14.79
C SER B 77 4.83 -9.72 -15.41
N SER B 78 5.50 -10.82 -15.12
CA SER B 78 5.01 -12.11 -15.59
C SER B 78 3.71 -12.50 -14.89
N TYR B 79 3.63 -12.33 -13.58
CA TYR B 79 2.41 -12.73 -12.87
C TYR B 79 1.23 -11.94 -13.40
N LEU B 80 1.40 -10.63 -13.49
CA LEU B 80 0.36 -9.74 -14.00
C LEU B 80 -0.07 -10.17 -15.38
N GLY B 81 0.90 -10.47 -16.26
CA GLY B 81 0.57 -10.78 -17.64
C GLY B 81 -0.20 -12.05 -17.80
N ASN B 82 -0.27 -12.88 -16.77
CA ASN B 82 -0.96 -14.16 -16.84
C ASN B 82 -2.22 -14.20 -15.98
N LEU B 83 -2.64 -13.07 -15.42
CA LEU B 83 -3.94 -13.03 -14.76
C LEU B 83 -5.04 -13.33 -15.77
N PRO B 84 -6.18 -13.87 -15.33
CA PRO B 84 -7.28 -14.09 -16.28
C PRO B 84 -7.69 -12.79 -16.94
N LYS B 85 -8.14 -12.90 -18.20
CA LYS B 85 -8.46 -11.71 -18.97
C LYS B 85 -9.51 -10.84 -18.28
N SER B 86 -10.41 -11.45 -17.51
CA SER B 86 -11.40 -10.67 -16.76
C SER B 86 -10.72 -9.68 -15.82
N GLU B 87 -9.60 -10.07 -15.21
CA GLU B 87 -8.90 -9.15 -14.34
C GLU B 87 -8.19 -8.08 -15.14
N LEU B 88 -7.54 -8.45 -16.24
CA LEU B 88 -6.78 -7.48 -17.03
C LEU B 88 -7.68 -6.46 -17.72
N ASP B 89 -8.90 -6.87 -18.11
CA ASP B 89 -9.82 -5.95 -18.76
C ASP B 89 -10.15 -4.77 -17.86
N ARG B 90 -10.19 -4.99 -16.55
CA ARG B 90 -10.49 -3.92 -15.60
C ARG B 90 -9.41 -2.86 -15.57
N LEU B 91 -8.23 -3.16 -16.11
CA LEU B 91 -7.08 -2.28 -16.06
C LEU B 91 -6.86 -1.51 -17.35
N GLU B 92 -7.76 -1.63 -18.32
CA GLU B 92 -7.58 -0.94 -19.59
C GLU B 92 -8.15 0.48 -19.52
N ASN B 93 -7.44 1.41 -20.16
CA ASN B 93 -7.89 2.80 -20.23
C ASN B 93 -7.60 3.31 -21.64
N GLU B 94 -8.61 3.19 -22.51
CA GLU B 94 -8.46 3.65 -23.90
C GLU B 94 -8.39 5.17 -23.97
N LYS B 95 -9.11 5.87 -23.10
CA LYS B 95 -9.07 7.33 -23.09
C LYS B 95 -7.67 7.84 -22.80
N ALA B 96 -6.92 7.12 -21.97
CA ALA B 96 -5.53 7.47 -21.69
C ALA B 96 -4.56 7.01 -22.77
N LYS B 97 -5.08 6.57 -23.93
CA LYS B 97 -4.26 6.02 -25.02
C LYS B 97 -3.48 4.79 -24.56
N TYR B 98 -4.03 4.05 -23.58
CA TYR B 98 -3.39 2.88 -22.98
C TYR B 98 -2.06 3.22 -22.28
N LEU B 99 -1.87 4.50 -21.94
CA LEU B 99 -0.69 4.93 -21.18
C LEU B 99 -1.00 5.00 -19.68
N THR B 100 -2.11 4.42 -19.27
CA THR B 100 -2.42 4.11 -17.90
C THR B 100 -2.98 2.69 -17.88
N GLY B 101 -2.50 1.86 -16.97
CA GLY B 101 -3.04 0.51 -16.85
C GLY B 101 -2.42 -0.47 -17.84
N TRP B 102 -3.17 -1.53 -18.13
CA TRP B 102 -2.68 -2.66 -18.91
CA TRP B 102 -2.70 -2.67 -18.90
C TRP B 102 -3.20 -2.63 -20.33
N SER B 103 -2.37 -3.11 -21.26
CA SER B 103 -2.82 -3.31 -22.64
C SER B 103 -1.95 -4.34 -23.33
N LEU B 104 -2.49 -4.91 -24.41
CA LEU B 104 -1.77 -5.84 -25.25
C LEU B 104 -1.36 -5.10 -26.53
N GLY B 105 -0.07 -5.20 -26.88
CA GLY B 105 0.48 -4.53 -28.05
C GLY B 105 1.42 -5.44 -28.81
N LYS B 106 1.91 -4.92 -29.93
CA LYS B 106 2.75 -5.69 -30.84
C LYS B 106 3.93 -4.84 -31.32
N GLU B 107 5.04 -5.51 -31.59
CA GLU B 107 6.23 -4.92 -32.19
C GLU B 107 6.53 -5.67 -33.48
N THR B 108 6.79 -4.93 -34.56
CA THR B 108 7.01 -5.56 -35.85
C THR B 108 8.40 -5.25 -36.41
N ASN B 116 6.69 -9.63 -32.02
CA ASN B 116 6.68 -9.71 -30.57
C ASN B 116 5.31 -9.31 -30.01
N LEU B 117 4.77 -10.11 -29.09
CA LEU B 117 3.57 -9.75 -28.36
C LEU B 117 3.99 -9.20 -27.00
N LYS B 118 3.41 -8.06 -26.60
CA LYS B 118 3.87 -7.33 -25.43
C LYS B 118 2.70 -6.87 -24.59
N GLY B 119 2.69 -7.25 -23.30
CA GLY B 119 1.78 -6.64 -22.36
C GLY B 119 2.47 -5.46 -21.72
N SER B 120 1.78 -4.32 -21.67
CA SER B 120 2.33 -3.12 -21.06
C SER B 120 1.49 -2.74 -19.86
N TYR B 121 2.16 -2.32 -18.78
CA TYR B 121 1.49 -1.78 -17.61
C TYR B 121 2.10 -0.43 -17.28
N TYR B 122 1.28 0.61 -17.27
CA TYR B 122 1.76 1.97 -17.02
C TYR B 122 1.14 2.53 -15.75
N ALA B 123 1.92 3.30 -15.00
CA ALA B 123 1.40 4.05 -13.85
C ALA B 123 2.10 5.38 -13.74
N ASN B 124 1.34 6.43 -13.40
CA ASN B 124 2.05 7.65 -13.02
C ASN B 124 2.65 7.49 -11.63
N CYS B 125 3.68 8.29 -11.35
CA CYS B 125 4.37 8.23 -10.07
C CYS B 125 4.07 9.46 -9.21
N ALA B 126 2.85 10.00 -9.30
CA ALA B 126 2.46 11.09 -8.42
C ALA B 126 2.61 10.70 -6.94
N PHE B 127 2.45 9.42 -6.64
CA PHE B 127 2.63 8.93 -5.28
C PHE B 127 4.01 9.27 -4.72
N TYR B 128 5.00 9.52 -5.58
CA TYR B 128 6.31 9.92 -5.08
C TYR B 128 6.22 11.21 -4.29
N VAL B 129 5.42 12.16 -4.77
CA VAL B 129 5.28 13.47 -4.15
C VAL B 129 4.37 13.39 -2.93
N ASP B 130 3.29 12.63 -3.05
CA ASP B 130 2.29 12.49 -1.98
C ASP B 130 1.71 11.09 -2.10
N PRO B 131 1.99 10.21 -1.13
CA PRO B 131 1.64 8.79 -1.30
C PRO B 131 0.17 8.54 -1.51
N SER B 132 -0.70 9.50 -1.20
CA SER B 132 -2.13 9.30 -1.38
C SER B 132 -2.61 9.60 -2.80
N LEU B 133 -1.76 10.17 -3.66
CA LEU B 133 -2.21 10.57 -4.97
C LEU B 133 -2.22 9.39 -5.93
N SER B 134 -3.32 9.24 -6.66
CA SER B 134 -3.39 8.27 -7.75
C SER B 134 -3.04 8.89 -9.10
N CYS B 135 -2.80 10.21 -9.10
CA CYS B 135 -2.53 11.04 -10.26
C CYS B 135 -2.42 12.46 -9.74
N ALA B 136 -2.00 13.37 -10.61
CA ALA B 136 -1.96 14.78 -10.26
C ALA B 136 -3.35 15.26 -9.82
N LYS B 137 -3.36 16.18 -8.86
CA LYS B 137 -4.60 16.84 -8.52
C LYS B 137 -5.07 17.65 -9.73
N PRO B 138 -6.29 17.44 -10.21
CA PRO B 138 -6.72 18.10 -11.44
C PRO B 138 -6.99 19.58 -11.25
N THR B 139 -6.74 20.34 -12.31
CA THR B 139 -7.07 21.75 -12.41
C THR B 139 -7.82 21.98 -13.71
N GLU B 140 -8.43 23.16 -13.84
CA GLU B 140 -9.07 23.49 -15.10
C GLU B 140 -8.05 23.49 -16.24
N GLU B 141 -6.82 23.89 -15.95
CA GLU B 141 -5.79 23.94 -16.98
C GLU B 141 -5.28 22.54 -17.35
N PHE B 142 -5.11 21.67 -16.36
CA PHE B 142 -4.51 20.35 -16.56
C PHE B 142 -5.34 19.30 -15.84
N ASN B 143 -6.03 18.45 -16.59
CA ASN B 143 -6.93 17.46 -15.99
C ASN B 143 -6.95 16.23 -16.88
N PRO B 144 -7.58 15.14 -16.41
CA PRO B 144 -7.65 13.94 -17.26
C PRO B 144 -8.37 14.15 -18.58
N ASP B 145 -9.17 15.22 -18.73
CA ASP B 145 -9.88 15.40 -19.99
C ASP B 145 -8.97 15.96 -21.08
N ASN B 146 -8.05 16.87 -20.75
CA ASN B 146 -7.19 17.42 -21.80
C ASN B 146 -5.81 16.78 -21.84
N PHE B 147 -5.37 16.11 -20.78
CA PHE B 147 -4.10 15.37 -20.81
C PHE B 147 -4.29 13.98 -20.21
N PRO B 148 -5.17 13.16 -20.82
CA PRO B 148 -5.42 11.83 -20.27
C PRO B 148 -4.19 10.94 -20.26
N GLU B 149 -3.22 11.19 -21.15
CA GLU B 149 -2.03 10.34 -21.23
C GLU B 149 -1.03 10.60 -20.10
N TYR B 150 -1.26 11.62 -19.27
CA TYR B 150 -0.40 11.91 -18.13
C TYR B 150 -1.13 11.95 -16.80
N LEU B 151 -2.41 12.29 -16.80
CA LEU B 151 -3.08 12.64 -15.55
C LEU B 151 -4.21 11.68 -15.17
N SER B 152 -4.38 10.56 -15.87
CA SER B 152 -5.42 9.63 -15.51
C SER B 152 -5.04 8.86 -14.25
N PRO B 153 -6.03 8.51 -13.40
CA PRO B 153 -5.72 7.77 -12.17
CA PRO B 153 -5.71 7.78 -12.17
C PRO B 153 -5.19 6.38 -12.46
N ASN B 154 -4.26 5.94 -11.61
CA ASN B 154 -3.68 4.62 -11.74
C ASN B 154 -4.74 3.54 -11.53
N LEU B 155 -4.62 2.44 -12.26
CA LEU B 155 -5.54 1.30 -12.17
C LEU B 155 -4.78 0.08 -11.69
N TRP B 156 -5.08 -0.38 -10.46
CA TRP B 156 -4.36 -1.49 -9.86
C TRP B 156 -5.23 -2.73 -9.76
N PRO B 157 -4.67 -3.92 -9.94
CA PRO B 157 -5.41 -5.12 -9.55
C PRO B 157 -5.63 -5.10 -8.03
N GLN B 158 -6.66 -5.80 -7.58
CA GLN B 158 -6.91 -5.90 -6.14
C GLN B 158 -5.73 -6.57 -5.45
N GLU B 159 -5.40 -6.06 -4.25
CA GLU B 159 -4.28 -6.61 -3.50
C GLU B 159 -4.40 -8.12 -3.35
N SER B 160 -5.62 -8.61 -3.10
CA SER B 160 -5.76 -10.05 -2.90
C SER B 160 -5.62 -10.83 -4.20
N THR B 161 -5.77 -10.19 -5.36
CA THR B 161 -5.60 -10.92 -6.63
C THR B 161 -4.13 -11.01 -7.05
N LEU B 162 -3.33 -10.01 -6.69
CA LEU B 162 -1.91 -9.98 -6.99
C LEU B 162 -1.19 -9.42 -5.78
N PRO B 163 -1.02 -10.23 -4.74
CA PRO B 163 -0.53 -9.71 -3.44
C PRO B 163 0.87 -9.14 -3.54
N GLY B 164 1.03 -7.94 -3.02
CA GLY B 164 2.30 -7.26 -2.95
C GLY B 164 2.69 -6.46 -4.17
N PHE B 165 1.88 -6.48 -5.23
CA PHE B 165 2.28 -5.82 -6.47
C PHE B 165 2.39 -4.31 -6.31
N LYS B 166 1.32 -3.68 -5.78
CA LYS B 166 1.35 -2.23 -5.67
C LYS B 166 2.46 -1.74 -4.73
N PRO B 167 2.62 -2.27 -3.51
CA PRO B 167 3.72 -1.78 -2.66
C PRO B 167 5.09 -2.02 -3.25
N THR B 168 5.31 -3.14 -3.94
CA THR B 168 6.61 -3.38 -4.58
C THR B 168 6.86 -2.36 -5.67
N PHE B 169 5.84 -2.11 -6.51
CA PHE B 169 5.93 -1.09 -7.56
C PHE B 169 6.26 0.27 -6.97
N GLU B 170 5.53 0.67 -5.94
CA GLU B 170 5.77 1.97 -5.32
C GLU B 170 7.16 2.07 -4.68
N ASP B 171 7.59 1.03 -3.95
CA ASP B 171 8.87 1.07 -3.28
C ASP B 171 10.02 1.12 -4.29
N LEU B 172 9.92 0.33 -5.37
CA LEU B 172 11.02 0.34 -6.34
C LEU B 172 11.04 1.66 -7.11
N CYS B 173 9.87 2.16 -7.53
CA CYS B 173 9.86 3.44 -8.22
C CYS B 173 10.38 4.55 -7.31
N ARG B 174 10.03 4.53 -6.02
CA ARG B 174 10.54 5.58 -5.13
C ARG B 174 12.06 5.51 -5.02
N LEU B 175 12.60 4.31 -4.94
CA LEU B 175 14.06 4.16 -4.90
C LEU B 175 14.71 4.72 -6.17
N ILE B 176 14.17 4.34 -7.34
CA ILE B 176 14.75 4.80 -8.61
C ILE B 176 14.61 6.31 -8.75
N ILE B 177 13.46 6.88 -8.38
CA ILE B 177 13.28 8.32 -8.51
C ILE B 177 14.18 9.06 -7.53
N ASP B 178 14.37 8.53 -6.31
CA ASP B 178 15.33 9.15 -5.38
C ASP B 178 16.69 9.30 -6.06
N VAL B 179 17.14 8.24 -6.73
CA VAL B 179 18.43 8.35 -7.42
C VAL B 179 18.35 9.35 -8.57
N ALA B 180 17.24 9.34 -9.32
CA ALA B 180 17.06 10.30 -10.41
C ALA B 180 17.17 11.74 -9.91
N VAL B 181 16.63 12.02 -8.72
CA VAL B 181 16.71 13.37 -8.16
C VAL B 181 18.16 13.74 -7.94
N LEU B 182 18.98 12.79 -7.47
CA LEU B 182 20.41 13.09 -7.29
C LEU B 182 21.12 13.30 -8.63
N VAL B 183 20.74 12.52 -9.66
CA VAL B 183 21.33 12.71 -10.98
C VAL B 183 20.94 14.09 -11.51
N ALA B 184 19.68 14.48 -11.33
CA ALA B 184 19.21 15.81 -11.71
C ALA B 184 19.99 16.89 -10.99
N ARG B 185 20.28 16.68 -9.71
CA ARG B 185 21.09 17.66 -8.97
C ARG B 185 22.47 17.83 -9.60
N ALA B 186 23.10 16.72 -10.01
CA ALA B 186 24.38 16.84 -10.70
C ALA B 186 24.24 17.57 -12.03
N CYS B 187 23.18 17.28 -12.78
CA CYS B 187 22.92 18.01 -14.02
C CYS B 187 22.78 19.50 -13.74
N ASP B 188 22.12 19.87 -12.64
CA ASP B 188 22.01 21.29 -12.26
C ASP B 188 23.36 21.90 -11.98
N ARG B 189 24.26 21.16 -11.32
CA ARG B 189 25.59 21.72 -11.07
C ARG B 189 26.29 22.06 -12.39
N PHE B 190 26.21 21.14 -13.35
CA PHE B 190 26.78 21.39 -14.67
C PHE B 190 26.12 22.59 -15.35
N ALA B 191 24.79 22.64 -15.34
CA ALA B 191 24.08 23.70 -16.06
C ALA B 191 24.33 25.05 -15.42
N GLU B 192 24.41 25.11 -14.09
CA GLU B 192 24.70 26.37 -13.39
C GLU B 192 26.09 26.86 -13.75
N LYS B 193 27.02 25.95 -14.03
CA LYS B 193 28.34 26.43 -14.44
C LYS B 193 28.42 26.79 -15.93
N GLN B 194 27.56 26.20 -16.77
CA GLN B 194 27.75 26.28 -18.22
C GLN B 194 26.71 27.12 -18.96
N ILE B 195 25.55 27.43 -18.35
CA ILE B 195 24.44 28.06 -19.07
C ILE B 195 24.11 29.40 -18.42
N ALA B 196 24.33 30.49 -19.14
CA ALA B 196 24.00 31.80 -18.60
C ALA B 196 22.49 31.94 -18.41
N GLY B 197 22.08 32.41 -17.23
CA GLY B 197 20.68 32.62 -16.93
C GLY B 197 19.93 31.40 -16.44
N TYR B 198 20.61 30.26 -16.31
CA TYR B 198 19.94 29.05 -15.87
C TYR B 198 19.37 29.23 -14.46
N PRO B 199 18.17 28.73 -14.19
CA PRO B 199 17.60 28.83 -12.83
C PRO B 199 18.26 27.80 -11.93
N ALA B 200 18.93 28.25 -10.89
CA ALA B 200 19.65 27.34 -10.00
C ALA B 200 18.70 26.27 -9.47
N GLY B 201 19.16 25.01 -9.51
CA GLY B 201 18.40 23.92 -8.93
C GLY B 201 17.19 23.48 -9.71
N TYR B 202 17.10 23.85 -11.00
CA TYR B 202 15.85 23.66 -11.75
C TYR B 202 15.48 22.19 -11.93
N LEU B 203 16.41 21.38 -12.47
CA LEU B 203 16.07 20.00 -12.79
C LEU B 203 15.78 19.18 -11.53
N GLU B 204 16.52 19.44 -10.45
CA GLU B 204 16.25 18.73 -9.20
C GLU B 204 14.81 18.98 -8.74
N GLY B 205 14.38 20.24 -8.78
CA GLY B 205 13.02 20.54 -8.35
C GLY B 205 11.98 19.96 -9.28
N VAL B 206 12.26 19.98 -10.59
CA VAL B 206 11.32 19.46 -11.57
C VAL B 206 11.09 17.97 -11.34
N VAL B 207 12.17 17.21 -11.16
CA VAL B 207 12.03 15.77 -10.99
C VAL B 207 11.40 15.44 -9.64
N LYS B 208 11.85 16.10 -8.57
CA LYS B 208 11.37 15.72 -7.25
C LYS B 208 9.89 16.05 -7.04
N THR B 209 9.33 17.01 -7.78
CA THR B 209 7.95 17.42 -7.58
C THR B 209 7.01 16.95 -8.69
N SER B 210 7.48 16.14 -9.63
CA SER B 210 6.65 15.78 -10.77
C SER B 210 5.54 14.81 -10.39
N THR B 211 4.34 15.08 -10.90
CA THR B 211 3.25 14.12 -10.85
C THR B 211 3.00 13.48 -12.20
N THR B 212 3.83 13.78 -13.21
CA THR B 212 3.67 13.21 -14.53
C THR B 212 4.65 12.09 -14.83
N THR B 213 5.71 11.97 -14.03
CA THR B 213 6.66 10.86 -14.17
C THR B 213 5.92 9.54 -14.33
N LYS B 214 6.32 8.77 -15.33
CA LYS B 214 5.53 7.62 -15.74
C LYS B 214 6.39 6.37 -15.69
N ALA B 215 5.92 5.34 -14.99
CA ALA B 215 6.64 4.07 -14.95
C ALA B 215 5.96 3.08 -15.88
N ARG B 216 6.79 2.30 -16.57
CA ARG B 216 6.33 1.34 -17.56
C ARG B 216 6.93 -0.02 -17.27
N LEU B 217 6.08 -1.00 -16.97
CA LEU B 217 6.49 -2.38 -16.75
C LEU B 217 6.04 -3.21 -17.95
N LEU B 218 7.00 -3.83 -18.65
CA LEU B 218 6.69 -4.57 -19.87
C LEU B 218 6.88 -6.06 -19.66
N HIS B 219 5.97 -6.84 -20.26
CA HIS B 219 6.06 -8.30 -20.27
C HIS B 219 6.01 -8.74 -21.73
N TYR B 220 7.12 -9.24 -22.25
CA TYR B 220 7.17 -9.87 -23.57
C TYR B 220 6.83 -11.34 -23.44
N PHE B 221 5.72 -11.73 -24.07
CA PHE B 221 5.21 -13.09 -23.99
C PHE B 221 6.12 -14.04 -24.76
N PRO B 222 6.28 -15.27 -24.29
CA PRO B 222 7.07 -16.25 -25.05
C PRO B 222 6.45 -16.48 -26.41
N GLU B 223 7.32 -16.79 -27.39
CA GLU B 223 6.87 -17.12 -28.75
C GLU B 223 5.62 -17.99 -28.79
N CYS B 246 17.09 -1.52 -37.80
CA CYS B 246 16.25 -1.34 -36.63
C CYS B 246 16.11 0.15 -36.30
N ALA B 247 14.87 0.64 -36.19
CA ALA B 247 14.65 2.07 -36.03
C ALA B 247 14.89 2.52 -34.59
N THR B 248 15.55 3.66 -34.46
CA THR B 248 15.87 4.24 -33.17
C THR B 248 14.73 5.16 -32.73
N HIS B 249 14.72 5.48 -31.43
CA HIS B 249 13.84 6.49 -30.87
C HIS B 249 14.63 7.32 -29.87
N LEU B 250 14.02 8.45 -29.49
CA LEU B 250 14.50 9.29 -28.39
C LEU B 250 13.46 9.25 -27.27
N ASP B 251 13.93 9.16 -26.01
CA ASP B 251 13.00 9.33 -24.90
C ASP B 251 12.59 10.78 -24.81
N HIS B 252 11.34 11.04 -24.42
CA HIS B 252 10.76 12.38 -24.48
CA HIS B 252 10.90 12.43 -24.52
C HIS B 252 10.96 13.18 -23.19
N GLY B 253 11.16 12.52 -22.07
CA GLY B 253 11.18 13.18 -20.76
C GLY B 253 12.55 13.72 -20.38
N CYS B 254 12.83 13.71 -19.07
CA CYS B 254 14.09 14.24 -18.55
C CYS B 254 15.11 13.14 -18.34
N LEU B 255 14.83 12.23 -17.41
CA LEU B 255 15.77 11.16 -17.08
C LEU B 255 14.98 9.86 -16.96
N THR B 256 15.37 8.87 -17.73
CA THR B 256 14.70 7.57 -17.70
C THR B 256 15.52 6.59 -16.88
N GLY B 257 14.96 6.17 -15.74
CA GLY B 257 15.59 5.14 -14.93
C GLY B 257 15.31 3.76 -15.50
N LEU B 258 16.34 2.90 -15.48
CA LEU B 258 16.32 1.60 -16.13
C LEU B 258 16.93 0.56 -15.22
N THR B 259 16.33 -0.64 -15.22
CA THR B 259 16.99 -1.84 -14.74
C THR B 259 17.42 -2.71 -15.91
N SER B 260 18.33 -3.65 -15.65
CA SER B 260 18.55 -4.70 -16.63
C SER B 260 17.30 -5.57 -16.74
N ALA B 261 17.11 -6.16 -17.92
CA ALA B 261 15.92 -6.96 -18.16
C ALA B 261 16.00 -8.29 -17.42
N MET B 262 14.82 -8.87 -17.13
CA MET B 262 14.72 -10.19 -16.54
C MET B 262 14.21 -11.20 -17.57
N PHE B 263 14.98 -12.27 -17.78
CA PHE B 263 14.50 -13.39 -18.58
C PHE B 263 14.01 -14.49 -17.65
N VAL B 264 12.86 -15.06 -17.99
CA VAL B 264 12.21 -16.07 -17.15
C VAL B 264 11.81 -17.25 -18.01
N ASP B 265 12.15 -18.47 -17.58
CA ASP B 265 11.64 -19.69 -18.22
C ASP B 265 10.32 -20.02 -17.55
N GLU B 266 9.21 -19.67 -18.20
CA GLU B 266 7.90 -19.79 -17.58
C GLU B 266 7.36 -21.21 -17.61
N ALA B 267 8.00 -22.13 -18.34
CA ALA B 267 7.69 -23.54 -18.16
C ALA B 267 8.33 -24.07 -16.88
N ALA B 268 9.58 -23.70 -16.62
CA ALA B 268 10.27 -24.13 -15.41
C ALA B 268 9.69 -23.48 -14.16
N THR B 269 9.36 -22.19 -14.24
CA THR B 269 8.81 -21.45 -13.10
C THR B 269 7.52 -20.78 -13.56
N PRO B 270 6.39 -21.48 -13.41
CA PRO B 270 5.12 -20.96 -13.98
C PRO B 270 4.72 -19.64 -13.36
N PRO B 271 4.25 -18.68 -14.18
CA PRO B 271 3.86 -17.35 -13.67
C PRO B 271 2.45 -17.36 -13.06
N VAL B 272 2.30 -18.11 -11.98
CA VAL B 272 1.01 -18.44 -11.39
C VAL B 272 0.96 -17.91 -9.97
N VAL B 273 -0.12 -17.20 -9.62
CA VAL B 273 -0.27 -16.65 -8.28
C VAL B 273 -0.64 -17.80 -7.36
N ASN B 274 0.36 -18.32 -6.66
CA ASN B 274 0.19 -19.43 -5.74
C ASN B 274 1.03 -19.11 -4.51
N PRO B 275 0.44 -18.45 -3.51
CA PRO B 275 1.21 -18.01 -2.35
C PRO B 275 1.82 -19.19 -1.59
N SER B 276 2.97 -18.95 -0.99
CA SER B 276 3.69 -19.96 -0.22
C SER B 276 2.89 -20.40 1.00
N VAL B 277 3.46 -21.33 1.78
CA VAL B 277 2.76 -21.84 2.96
C VAL B 277 2.44 -20.72 3.93
N ASN B 278 3.30 -19.71 4.03
CA ASN B 278 3.05 -18.58 4.91
C ASN B 278 2.12 -17.54 4.28
N GLY B 279 1.94 -17.59 2.96
CA GLY B 279 1.06 -16.67 2.27
C GLY B 279 1.74 -15.59 1.45
N SER B 280 3.07 -15.62 1.36
CA SER B 280 3.80 -14.64 0.56
C SER B 280 3.92 -15.09 -0.89
N LEU B 281 4.15 -14.11 -1.78
CA LEU B 281 4.30 -14.40 -3.21
C LEU B 281 5.77 -14.30 -3.62
N PRO B 282 6.43 -15.41 -3.93
CA PRO B 282 7.89 -15.38 -4.20
C PRO B 282 8.21 -14.87 -5.58
N PRO B 283 9.40 -14.29 -5.80
CA PRO B 283 9.82 -13.98 -7.16
C PRO B 283 10.06 -15.24 -7.96
N LEU B 284 9.98 -15.12 -9.27
CA LEU B 284 10.22 -16.24 -10.16
C LEU B 284 11.71 -16.38 -10.45
N GLY B 285 12.10 -17.58 -10.87
CA GLY B 285 13.51 -17.85 -11.10
C GLY B 285 14.01 -17.08 -12.31
N GLU B 286 15.02 -16.25 -12.11
CA GLU B 286 15.62 -15.50 -13.20
C GLU B 286 16.73 -16.30 -13.86
N LEU B 287 16.76 -16.29 -15.20
CA LEU B 287 17.83 -16.93 -15.93
C LEU B 287 19.15 -16.20 -15.69
N PRO B 288 20.25 -16.92 -15.50
CA PRO B 288 21.53 -16.24 -15.25
C PRO B 288 21.96 -15.32 -16.37
N THR B 289 21.71 -15.72 -17.61
CA THR B 289 22.13 -14.94 -18.76
C THR B 289 21.01 -14.89 -19.78
N SER B 290 21.00 -13.83 -20.58
CA SER B 290 20.06 -13.78 -21.68
C SER B 290 20.24 -15.00 -22.57
N PRO B 291 19.15 -15.60 -23.05
CA PRO B 291 19.28 -16.72 -23.99
C PRO B 291 19.77 -16.29 -25.36
N ASP B 292 19.84 -15.00 -25.64
CA ASP B 292 20.23 -14.48 -26.93
C ASP B 292 21.21 -13.34 -26.71
N PRO B 293 22.50 -13.52 -27.03
CA PRO B 293 23.47 -12.45 -26.77
C PRO B 293 23.21 -11.19 -27.55
N LYS B 294 22.39 -11.25 -28.60
CA LYS B 294 22.06 -10.04 -29.35
C LYS B 294 20.94 -9.24 -28.70
N ALA B 295 20.26 -9.78 -27.69
CA ALA B 295 19.25 -8.99 -27.01
C ALA B 295 19.91 -7.87 -26.20
N GLY B 296 19.20 -6.75 -26.07
CA GLY B 296 19.64 -5.68 -25.18
C GLY B 296 19.52 -4.31 -25.82
N LEU B 297 20.21 -3.35 -25.20
CA LEU B 297 20.15 -1.94 -25.56
C LEU B 297 21.23 -1.61 -26.59
N TYR B 298 20.85 -0.87 -27.63
CA TYR B 298 21.73 -0.44 -28.70
C TYR B 298 21.62 1.07 -28.83
N ILE B 299 22.75 1.74 -28.92
CA ILE B 299 22.81 3.20 -28.95
C ILE B 299 23.61 3.64 -30.17
N LYS B 300 23.10 4.63 -30.89
CA LYS B 300 23.80 5.18 -32.05
C LYS B 300 24.19 6.63 -31.73
N SER B 301 25.43 6.80 -31.27
CA SER B 301 25.95 8.12 -30.95
C SER B 301 26.27 8.90 -32.22
N ARG B 302 26.81 10.11 -32.02
CA ARG B 302 27.22 10.97 -33.12
C ARG B 302 28.38 10.39 -33.93
N THR B 303 29.04 9.33 -33.48
CA THR B 303 29.97 8.64 -34.37
C THR B 303 29.27 7.98 -35.55
N GLY B 304 27.97 7.77 -35.47
CA GLY B 304 27.23 7.10 -36.52
C GLY B 304 27.22 5.59 -36.37
N GLN B 305 27.93 5.05 -35.40
CA GLN B 305 28.05 3.62 -35.22
C GLN B 305 27.13 3.17 -34.09
N THR B 306 26.50 2.02 -34.29
CA THR B 306 25.59 1.48 -33.29
C THR B 306 26.39 0.54 -32.39
N VAL B 307 26.28 0.73 -31.08
CA VAL B 307 26.97 -0.11 -30.13
C VAL B 307 25.96 -0.71 -29.16
N GLN B 308 26.28 -1.88 -28.65
CA GLN B 308 25.48 -2.51 -27.60
C GLN B 308 25.99 -2.06 -26.24
N VAL B 309 25.07 -1.79 -25.31
CA VAL B 309 25.41 -1.31 -23.99
C VAL B 309 24.64 -2.13 -22.96
N LYS B 310 25.34 -2.62 -21.95
CA LYS B 310 24.74 -3.48 -20.95
C LYS B 310 24.65 -2.77 -19.61
N ILE B 311 23.60 -3.05 -18.86
CA ILE B 311 23.42 -2.55 -17.51
C ILE B 311 23.70 -3.72 -16.56
N PRO B 312 24.66 -3.61 -15.65
CA PRO B 312 24.86 -4.68 -14.67
C PRO B 312 23.58 -4.91 -13.86
N ARG B 313 23.32 -6.18 -13.54
CA ARG B 313 22.05 -6.52 -12.89
C ARG B 313 21.89 -5.79 -11.58
N ASP B 314 22.99 -5.49 -10.88
CA ASP B 314 22.91 -4.85 -9.57
C ASP B 314 22.98 -3.32 -9.65
N CYS B 315 22.88 -2.74 -10.84
CA CYS B 315 23.00 -1.30 -11.03
C CYS B 315 21.72 -0.71 -11.59
N ILE B 316 21.61 0.63 -11.53
CA ILE B 316 20.51 1.36 -12.16
C ILE B 316 21.11 2.28 -13.21
N ALA B 317 20.47 2.39 -14.37
CA ALA B 317 20.97 3.34 -15.37
C ALA B 317 19.97 4.45 -15.62
N PHE B 318 20.46 5.58 -16.16
CA PHE B 318 19.60 6.71 -16.53
C PHE B 318 19.94 7.17 -17.93
N GLN B 319 18.94 7.22 -18.80
CA GLN B 319 19.08 7.81 -20.12
C GLN B 319 18.50 9.22 -20.18
N THR B 320 19.17 10.09 -20.92
CA THR B 320 18.65 11.44 -21.14
C THR B 320 17.47 11.41 -22.10
N GLY B 321 16.56 12.37 -21.93
CA GLY B 321 15.44 12.54 -22.83
C GLY B 321 15.38 13.95 -23.41
N GLU B 322 14.42 14.15 -24.33
CA GLU B 322 14.36 15.40 -25.09
C GLU B 322 14.02 16.59 -24.20
N ALA B 323 13.22 16.39 -23.15
CA ALA B 323 12.92 17.52 -22.27
C ALA B 323 14.16 18.01 -21.54
N LEU B 324 15.04 17.10 -21.14
CA LEU B 324 16.29 17.52 -20.51
CA LEU B 324 16.31 17.48 -20.52
C LEU B 324 17.20 18.19 -21.53
N GLU B 325 17.25 17.69 -22.76
CA GLU B 325 18.02 18.35 -23.81
C GLU B 325 17.55 19.79 -23.99
N ARG B 326 16.23 20.00 -24.02
CA ARG B 326 15.72 21.36 -24.21
C ARG B 326 16.05 22.24 -23.02
N ILE B 327 15.88 21.73 -21.80
CA ILE B 327 16.16 22.50 -20.60
C ILE B 327 17.63 22.91 -20.53
N THR B 328 18.53 22.07 -21.03
CA THR B 328 19.96 22.39 -21.02
C THR B 328 20.40 23.04 -22.32
N GLY B 329 19.46 23.43 -23.18
CA GLY B 329 19.84 24.07 -24.44
C GLY B 329 20.74 23.25 -25.33
N GLY B 330 20.61 21.93 -25.31
CA GLY B 330 21.42 21.04 -26.13
C GLY B 330 22.78 20.71 -25.57
N LYS B 331 23.14 21.25 -24.41
CA LYS B 331 24.44 20.92 -23.84
C LYS B 331 24.49 19.47 -23.38
N PHE B 332 23.36 18.95 -22.91
CA PHE B 332 23.16 17.51 -22.81
C PHE B 332 22.16 17.12 -23.88
N LYS B 333 22.26 15.88 -24.37
CA LYS B 333 21.51 15.46 -25.56
C LYS B 333 20.79 14.16 -25.31
N ALA B 334 19.59 14.04 -25.89
CA ALA B 334 18.95 12.74 -26.04
C ALA B 334 19.58 12.02 -27.23
N VAL B 335 19.99 10.77 -27.03
CA VAL B 335 20.80 10.05 -28.01
C VAL B 335 19.98 8.87 -28.54
N PRO B 336 19.87 8.71 -29.87
CA PRO B 336 19.01 7.67 -30.44
C PRO B 336 19.42 6.27 -30.00
N HIS B 337 18.42 5.41 -29.77
CA HIS B 337 18.68 4.06 -29.28
C HIS B 337 17.48 3.18 -29.57
N PHE B 338 17.67 1.88 -29.34
CA PHE B 338 16.56 0.92 -29.42
C PHE B 338 16.91 -0.29 -28.56
N VAL B 339 15.88 -1.06 -28.21
CA VAL B 339 16.07 -2.26 -27.41
C VAL B 339 15.60 -3.46 -28.23
N ARG B 340 16.43 -4.49 -28.27
CA ARG B 340 16.13 -5.76 -28.96
C ARG B 340 15.80 -6.84 -27.95
N GLY B 341 14.75 -7.61 -28.24
CA GLY B 341 14.43 -8.80 -27.47
C GLY B 341 15.23 -10.01 -27.94
N ALA B 342 14.95 -11.13 -27.28
CA ALA B 342 15.55 -12.40 -27.66
C ALA B 342 14.80 -13.01 -28.83
N ARG B 343 15.54 -13.58 -29.77
CA ARG B 343 14.91 -14.24 -30.91
C ARG B 343 14.16 -15.49 -30.46
N ALA B 344 13.02 -15.74 -31.13
CA ALA B 344 12.13 -16.82 -30.71
C ALA B 344 12.86 -18.16 -30.69
N GLU B 345 13.79 -18.38 -31.63
CA GLU B 345 14.61 -19.59 -31.61
C GLU B 345 15.24 -19.81 -30.25
N MET B 346 15.59 -18.73 -29.55
CA MET B 346 16.13 -18.84 -28.21
C MET B 346 15.05 -18.78 -27.15
N SER B 347 13.94 -18.07 -27.43
CA SER B 347 12.81 -18.03 -26.50
C SER B 347 12.12 -19.39 -26.41
N ALA B 348 12.03 -20.11 -27.54
CA ALA B 348 11.56 -21.51 -27.57
C ALA B 348 10.18 -21.68 -26.93
N GLY B 349 9.33 -20.66 -27.04
CA GLY B 349 8.00 -20.74 -26.46
C GLY B 349 7.95 -20.83 -24.96
N ARG B 350 9.09 -20.67 -24.29
CA ARG B 350 9.15 -20.77 -22.84
C ARG B 350 9.73 -19.53 -22.17
N ILE B 351 10.56 -18.74 -22.86
CA ILE B 351 11.30 -17.66 -22.22
C ILE B 351 10.56 -16.35 -22.44
N ALA B 352 10.20 -15.69 -21.35
CA ALA B 352 9.60 -14.37 -21.38
C ALA B 352 10.65 -13.35 -20.96
N ARG B 353 10.38 -12.08 -21.31
CA ARG B 353 11.30 -10.99 -20.98
C ARG B 353 10.52 -9.87 -20.30
N ASN B 354 10.98 -9.44 -19.13
CA ASN B 354 10.31 -8.39 -18.36
C ASN B 354 11.25 -7.20 -18.21
N THR B 355 10.71 -5.99 -18.38
CA THR B 355 11.55 -4.80 -18.27
C THR B 355 10.84 -3.72 -17.47
N LEU B 356 11.65 -2.80 -16.91
CA LEU B 356 11.11 -1.63 -16.22
C LEU B 356 11.80 -0.36 -16.69
N ALA B 357 11.00 0.68 -16.93
CA ALA B 357 11.51 2.01 -17.22
C ALA B 357 10.74 3.02 -16.39
N VAL B 358 11.43 4.03 -15.85
CA VAL B 358 10.78 5.10 -15.07
C VAL B 358 11.11 6.40 -15.81
N PHE B 359 10.16 6.95 -16.55
CA PHE B 359 10.36 8.18 -17.32
C PHE B 359 10.09 9.39 -16.42
N THR B 360 11.14 9.90 -15.75
CA THR B 360 10.97 11.14 -15.01
C THR B 360 10.92 12.30 -15.99
N GLN B 361 9.98 13.21 -15.76
CA GLN B 361 9.68 14.29 -16.69
C GLN B 361 8.96 15.40 -15.92
N PRO B 362 8.89 16.59 -16.48
CA PRO B 362 8.34 17.73 -15.71
C PRO B 362 6.83 17.68 -15.58
N ASN B 363 6.33 18.47 -14.62
CA ASN B 363 4.91 18.77 -14.60
C ASN B 363 4.54 19.55 -15.87
N LEU B 364 3.27 19.45 -16.27
CA LEU B 364 2.86 19.98 -17.56
C LEU B 364 3.06 21.49 -17.65
N GLY B 365 2.98 22.20 -16.53
CA GLY B 365 3.16 23.63 -16.51
C GLY B 365 4.58 24.11 -16.34
N ASP B 366 5.54 23.20 -16.12
CA ASP B 366 6.94 23.59 -15.99
C ASP B 366 7.53 23.89 -17.36
N GLU B 367 8.40 24.90 -17.41
CA GLU B 367 9.03 25.29 -18.67
C GLU B 367 10.13 24.30 -19.08
N VAL B 368 10.18 24.00 -20.38
CA VAL B 368 11.31 23.26 -20.93
C VAL B 368 12.18 24.12 -21.83
N ASP B 369 11.60 25.10 -22.51
CA ASP B 369 12.36 26.11 -23.25
C ASP B 369 12.16 27.40 -22.46
N MET B 370 13.20 27.79 -21.71
CA MET B 370 13.08 28.95 -20.84
CA MET B 370 13.10 28.94 -20.83
C MET B 370 13.24 30.27 -21.58
N GLU B 371 13.71 30.24 -22.82
CA GLU B 371 13.79 31.49 -23.57
C GLU B 371 12.43 31.82 -24.17
N GLN B 372 11.78 30.83 -24.78
CA GLN B 372 10.47 30.99 -25.39
C GLN B 372 9.32 30.70 -24.44
N HIS B 373 9.61 30.18 -23.24
CA HIS B 373 8.61 29.91 -22.21
C HIS B 373 7.62 28.83 -22.65
N ILE B 374 8.13 27.84 -23.36
CA ILE B 374 7.33 26.69 -23.75
C ILE B 374 7.32 25.69 -22.60
N THR B 375 6.13 25.27 -22.18
CA THR B 375 5.98 24.33 -21.07
C THR B 375 6.09 22.88 -21.55
N PHE B 376 6.20 21.97 -20.59
CA PHE B 376 6.27 20.55 -20.94
C PHE B 376 4.99 20.08 -21.62
N GLY B 377 3.83 20.55 -21.17
CA GLY B 377 2.58 20.18 -21.83
C GLY B 377 2.54 20.65 -23.28
N GLU B 378 2.94 21.90 -23.50
CA GLU B 378 3.01 22.43 -24.86
C GLU B 378 4.02 21.64 -25.69
N PHE B 379 5.21 21.39 -25.12
CA PHE B 379 6.25 20.62 -25.79
C PHE B 379 5.74 19.23 -26.19
N ALA B 380 5.01 18.58 -25.30
CA ALA B 380 4.46 17.26 -25.60
C ALA B 380 3.43 17.33 -26.71
N ARG B 381 2.75 18.46 -26.84
CA ARG B 381 1.78 18.63 -27.93
C ARG B 381 2.39 19.18 -29.22
N GLY B 382 3.71 19.33 -29.30
CA GLY B 382 4.34 19.75 -30.53
C GLY B 382 4.44 21.25 -30.73
N ILE B 383 4.17 22.03 -29.71
CA ILE B 383 4.21 23.49 -29.81
C ILE B 383 5.66 23.96 -29.82
N VAL B 384 6.01 24.82 -30.78
CA VAL B 384 7.37 25.34 -30.92
C VAL B 384 7.44 26.85 -30.86
N ALA B 385 6.31 27.54 -30.71
CA ALA B 385 6.31 29.01 -30.63
C ALA B 385 5.18 29.44 -29.72
N LYS B 386 5.36 30.57 -29.03
CA LYS B 386 4.39 30.99 -28.03
C LYS B 386 4.46 32.50 -27.88
N ASN B 387 3.30 33.14 -27.67
CA ASN B 387 3.28 34.56 -27.37
C ASN B 387 2.04 34.86 -26.55
N THR B 388 2.10 35.97 -25.80
CA THR B 388 1.02 36.42 -24.94
C THR B 388 0.42 37.70 -25.51
N VAL B 389 -0.91 37.78 -25.47
CA VAL B 389 -1.62 38.95 -25.97
C VAL B 389 -2.41 39.55 -24.81
N SER B 390 -2.95 40.74 -25.05
CA SER B 390 -3.74 41.43 -24.04
C SER B 390 -5.23 41.26 -24.31
#